data_6W2R
#
_entry.id   6W2R
#
_cell.length_a   53.674
_cell.length_b   109.666
_cell.length_c   81.011
_cell.angle_alpha   90.000
_cell.angle_beta   107.500
_cell.angle_gamma   90.000
#
_symmetry.space_group_name_H-M   'P 1 21 1'
#
loop_
_entity.id
_entity.type
_entity.pdbx_description
1 polymer 'Junction 19 DHR54-DHR79'
2 water water
#
_entity_poly.entity_id   1
_entity_poly.type   'polypeptide(L)'
_entity_poly.pdbx_seq_one_letter_code
;MGTTEDERRELEKVARKAIEAAREGNTDEVREQLQRALEIARESGTKTAVKLALDVALRVAQEAAKRGNKDAIDEAAEVV
VRIAEESNNSDALEQALRVLEEIAKAVLKSEKTEDAKKAVKLVQEAYKAAQRAIEAAKRTGTPDVIKLAIKLAKLAARAA
LEVIKRPKSEEVNEALKKIVKAIQEAVESLREAEESGDPEKREKARERVREAVERAEEVQRDPSSGWLEHHHHHH
;
_entity_poly.pdbx_strand_id   A,B,C,D
#
# COMPACT_ATOMS: atom_id res chain seq x y z
N GLY A 2 10.16 -21.83 11.60
CA GLY A 2 10.84 -23.06 11.92
C GLY A 2 11.58 -23.64 10.73
N THR A 3 12.38 -24.68 10.97
CA THR A 3 13.16 -25.34 9.93
C THR A 3 13.01 -26.85 10.07
N THR A 4 12.80 -27.52 8.94
CA THR A 4 12.76 -28.98 8.94
C THR A 4 14.04 -29.52 9.56
N GLU A 5 13.89 -30.57 10.37
CA GLU A 5 15.03 -31.12 11.10
C GLU A 5 16.24 -31.32 10.21
N ASP A 6 16.01 -31.61 8.92
CA ASP A 6 17.13 -31.76 8.01
C ASP A 6 17.72 -30.41 7.64
N GLU A 7 16.87 -29.39 7.48
CA GLU A 7 17.36 -28.05 7.19
C GLU A 7 18.35 -27.59 8.25
N ARG A 8 18.04 -27.82 9.53
CA ARG A 8 19.01 -27.54 10.58
C ARG A 8 20.27 -28.39 10.43
N ARG A 9 20.14 -29.61 9.90
CA ARG A 9 21.31 -30.44 9.68
C ARG A 9 22.14 -29.94 8.50
N GLU A 10 21.48 -29.60 7.39
CA GLU A 10 22.21 -29.12 6.22
C GLU A 10 23.01 -27.87 6.54
N LEU A 11 22.43 -26.97 7.34
CA LEU A 11 23.14 -25.75 7.71
C LEU A 11 24.37 -26.06 8.56
N GLU A 12 24.24 -26.96 9.51
CA GLU A 12 25.40 -27.35 10.32
C GLU A 12 26.46 -28.02 9.46
N LYS A 13 26.04 -28.79 8.45
CA LYS A 13 26.99 -29.35 7.50
C LYS A 13 27.74 -28.24 6.78
N VAL A 14 27.00 -27.26 6.25
CA VAL A 14 27.63 -26.09 5.64
C VAL A 14 28.51 -25.36 6.65
N ALA A 15 28.00 -25.21 7.88
CA ALA A 15 28.77 -24.53 8.92
C ALA A 15 30.15 -25.17 9.10
N ARG A 16 30.17 -26.49 9.28
CA ARG A 16 31.45 -27.17 9.51
C ARG A 16 32.36 -27.07 8.30
N LYS A 17 31.80 -27.24 7.10
CA LYS A 17 32.60 -27.10 5.88
C LYS A 17 33.17 -25.68 5.77
N ALA A 18 32.34 -24.67 6.04
CA ALA A 18 32.81 -23.29 6.00
C ALA A 18 33.84 -23.04 7.09
N ILE A 19 33.57 -23.48 8.31
CA ILE A 19 34.52 -23.30 9.41
C ILE A 19 35.84 -23.94 9.07
N GLU A 20 35.82 -25.14 8.51
CA GLU A 20 37.06 -25.79 8.08
C GLU A 20 37.80 -24.92 7.08
N ALA A 21 37.10 -24.49 6.03
CA ALA A 21 37.73 -23.64 5.02
C ALA A 21 38.32 -22.38 5.66
N ALA A 22 37.60 -21.78 6.59
CA ALA A 22 38.13 -20.63 7.31
C ALA A 22 39.38 -21.01 8.09
N ARG A 23 39.33 -22.14 8.82
CA ARG A 23 40.49 -22.60 9.56
C ARG A 23 41.68 -22.82 8.64
N GLU A 24 41.46 -23.50 7.52
CA GLU A 24 42.51 -23.78 6.54
C GLU A 24 42.82 -22.61 5.64
N GLY A 25 42.07 -21.50 5.77
CA GLY A 25 42.34 -20.33 4.97
C GLY A 25 41.94 -20.44 3.52
N ASN A 26 41.05 -21.37 3.18
CA ASN A 26 40.55 -21.53 1.81
C ASN A 26 39.32 -20.63 1.67
N THR A 27 39.53 -19.43 1.13
CA THR A 27 38.48 -18.43 1.10
C THR A 27 37.41 -18.78 0.06
N ASP A 28 37.83 -19.26 -1.11
CA ASP A 28 36.85 -19.60 -2.15
C ASP A 28 35.86 -20.65 -1.66
N GLU A 29 36.31 -21.57 -0.80
CA GLU A 29 35.40 -22.54 -0.21
C GLU A 29 34.51 -21.88 0.85
N VAL A 30 35.08 -20.97 1.64
CA VAL A 30 34.27 -20.16 2.54
C VAL A 30 33.19 -19.43 1.74
N ARG A 31 33.59 -18.77 0.66
CA ARG A 31 32.64 -18.05 -0.16
C ARG A 31 31.53 -18.97 -0.65
N GLU A 32 31.88 -20.17 -1.08
CA GLU A 32 30.88 -21.09 -1.63
C GLU A 32 29.94 -21.60 -0.54
N GLN A 33 30.50 -21.99 0.61
CA GLN A 33 29.66 -22.53 1.68
C GLN A 33 28.74 -21.45 2.25
N LEU A 34 29.28 -20.24 2.47
CA LEU A 34 28.42 -19.16 2.95
C LEU A 34 27.30 -18.87 1.96
N GLN A 35 27.59 -19.00 0.66
CA GLN A 35 26.53 -18.91 -0.35
C GLN A 35 25.44 -19.94 -0.09
N ARG A 36 25.84 -21.20 0.09
CA ARG A 36 24.87 -22.26 0.34
C ARG A 36 24.02 -21.94 1.56
N ALA A 37 24.66 -21.51 2.65
CA ALA A 37 23.90 -21.13 3.84
C ALA A 37 22.89 -20.05 3.51
N LEU A 38 23.30 -19.04 2.75
CA LEU A 38 22.38 -17.99 2.34
C LEU A 38 21.21 -18.57 1.55
N GLU A 39 21.51 -19.38 0.53
CA GLU A 39 20.45 -19.90 -0.32
C GLU A 39 19.46 -20.74 0.46
N ILE A 40 19.92 -21.40 1.53
CA ILE A 40 18.99 -22.07 2.44
C ILE A 40 18.03 -21.03 3.04
N ALA A 41 18.59 -19.91 3.52
CA ALA A 41 17.76 -18.87 4.13
C ALA A 41 16.72 -18.35 3.14
N ARG A 42 17.11 -18.15 1.88
CA ARG A 42 16.15 -17.72 0.87
C ARG A 42 15.05 -18.77 0.69
N GLU A 43 15.44 -20.01 0.38
CA GLU A 43 14.46 -21.06 0.16
C GLU A 43 13.51 -21.18 1.35
N SER A 44 14.06 -21.20 2.57
CA SER A 44 13.23 -21.29 3.76
C SER A 44 12.41 -20.02 3.96
N GLY A 45 13.06 -18.87 3.81
CA GLY A 45 12.37 -17.60 3.94
C GLY A 45 11.83 -17.31 5.32
N THR A 46 12.37 -17.95 6.35
CA THR A 46 11.89 -17.79 7.72
C THR A 46 12.88 -16.95 8.52
N LYS A 47 12.35 -16.23 9.51
CA LYS A 47 13.20 -15.44 10.40
C LYS A 47 14.21 -16.33 11.13
N THR A 48 13.75 -17.48 11.63
CA THR A 48 14.64 -18.36 12.38
C THR A 48 15.75 -18.94 11.52
N ALA A 49 15.48 -19.18 10.24
CA ALA A 49 16.53 -19.64 9.34
C ALA A 49 17.55 -18.53 9.08
N VAL A 50 17.06 -17.30 8.88
CA VAL A 50 17.96 -16.17 8.65
C VAL A 50 18.88 -15.98 9.84
N LYS A 51 18.35 -16.11 11.06
CA LYS A 51 19.20 -16.01 12.24
C LYS A 51 20.24 -17.11 12.26
N LEU A 52 19.87 -18.32 11.82
CA LEU A 52 20.83 -19.41 11.79
C LEU A 52 21.94 -19.15 10.78
N ALA A 53 21.59 -18.64 9.61
CA ALA A 53 22.60 -18.29 8.61
C ALA A 53 23.56 -17.24 9.14
N LEU A 54 23.03 -16.21 9.81
CA LEU A 54 23.88 -15.20 10.42
C LEU A 54 24.84 -15.82 11.42
N ASP A 55 24.36 -16.79 12.20
CA ASP A 55 25.24 -17.45 13.17
C ASP A 55 26.38 -18.16 12.46
N VAL A 56 26.09 -18.84 11.34
CA VAL A 56 27.14 -19.53 10.59
C VAL A 56 28.18 -18.53 10.11
N ALA A 57 27.73 -17.41 9.55
CA ALA A 57 28.67 -16.39 9.10
C ALA A 57 29.53 -15.88 10.25
N LEU A 58 28.91 -15.71 11.43
CA LEU A 58 29.68 -15.26 12.59
C LEU A 58 30.71 -16.29 12.99
N ARG A 59 30.31 -17.56 13.10
CA ARG A 59 31.26 -18.61 13.49
C ARG A 59 32.40 -18.70 12.48
N VAL A 60 32.11 -18.51 11.20
CA VAL A 60 33.16 -18.49 10.18
C VAL A 60 34.14 -17.36 10.46
N ALA A 61 33.62 -16.15 10.71
CA ALA A 61 34.49 -15.03 11.03
C ALA A 61 35.31 -15.28 12.28
N GLN A 62 34.69 -15.83 13.32
CA GLN A 62 35.39 -16.09 14.57
C GLN A 62 36.55 -17.06 14.37
N GLU A 63 36.32 -18.11 13.57
CA GLU A 63 37.37 -19.10 13.36
C GLU A 63 38.49 -18.53 12.51
N ALA A 64 38.15 -17.81 11.44
CA ALA A 64 39.18 -17.20 10.60
C ALA A 64 40.03 -16.23 11.39
N ALA A 65 39.41 -15.49 12.32
CA ALA A 65 40.17 -14.55 13.14
C ALA A 65 41.14 -15.30 14.04
N LYS A 66 40.79 -16.50 14.50
CA LYS A 66 41.71 -17.29 15.30
C LYS A 66 42.97 -17.64 14.52
N ARG A 67 42.85 -17.76 13.19
CA ARG A 67 43.95 -18.18 12.33
C ARG A 67 44.51 -17.04 11.49
N GLY A 68 44.09 -15.80 11.73
CA GLY A 68 44.63 -14.67 11.01
C GLY A 68 44.22 -14.58 9.55
N ASN A 69 43.13 -15.24 9.15
CA ASN A 69 42.70 -15.23 7.76
C ASN A 69 41.67 -14.12 7.58
N LYS A 70 42.17 -12.93 7.26
CA LYS A 70 41.32 -11.75 7.13
C LYS A 70 40.33 -11.93 5.98
N ASP A 71 40.76 -12.58 4.90
CA ASP A 71 39.91 -12.71 3.72
C ASP A 71 38.63 -13.48 4.03
N ALA A 72 38.73 -14.57 4.80
CA ALA A 72 37.53 -15.30 5.19
C ALA A 72 36.60 -14.45 6.03
N ILE A 73 37.16 -13.54 6.84
CA ILE A 73 36.33 -12.62 7.60
C ILE A 73 35.55 -11.71 6.66
N ASP A 74 36.22 -11.15 5.65
CA ASP A 74 35.54 -10.31 4.67
C ASP A 74 34.36 -11.06 4.03
N GLU A 75 34.53 -12.36 3.78
CA GLU A 75 33.46 -13.15 3.19
C GLU A 75 32.28 -13.28 4.13
N ALA A 76 32.56 -13.46 5.43
CA ALA A 76 31.48 -13.52 6.40
C ALA A 76 30.73 -12.19 6.47
N ALA A 77 31.47 -11.09 6.63
CA ALA A 77 30.84 -9.78 6.67
C ALA A 77 30.04 -9.51 5.40
N GLU A 78 30.60 -9.88 4.24
CA GLU A 78 29.90 -9.65 2.98
C GLU A 78 28.53 -10.31 2.97
N VAL A 79 28.45 -11.55 3.45
CA VAL A 79 27.20 -12.28 3.41
C VAL A 79 26.21 -11.72 4.43
N VAL A 80 26.72 -11.29 5.59
CA VAL A 80 25.84 -10.70 6.61
C VAL A 80 25.12 -9.48 6.04
N VAL A 81 25.85 -8.62 5.34
CA VAL A 81 25.24 -7.41 4.77
C VAL A 81 24.24 -7.79 3.69
N ARG A 82 24.51 -8.86 2.94
CA ARG A 82 23.59 -9.27 1.90
C ARG A 82 22.30 -9.80 2.50
N ILE A 83 22.40 -10.59 3.57
CA ILE A 83 21.21 -10.98 4.32
C ILE A 83 20.46 -9.75 4.80
N ALA A 84 21.18 -8.79 5.38
CA ALA A 84 20.54 -7.59 5.89
C ALA A 84 19.82 -6.86 4.77
N GLU A 85 20.50 -6.63 3.64
CA GLU A 85 19.91 -5.83 2.58
C GLU A 85 18.73 -6.53 1.94
N GLU A 86 18.69 -7.85 1.98
CA GLU A 86 17.56 -8.61 1.47
C GLU A 86 16.39 -8.68 2.44
N SER A 87 16.58 -8.23 3.67
CA SER A 87 15.54 -8.34 4.69
C SER A 87 14.60 -7.13 4.61
N ASN A 88 13.41 -7.31 5.18
CA ASN A 88 12.43 -6.25 5.27
C ASN A 88 11.75 -6.22 6.65
N ASN A 89 12.43 -6.74 7.67
CA ASN A 89 11.93 -6.68 9.04
C ASN A 89 13.06 -6.26 9.97
N SER A 90 12.69 -5.61 11.07
CA SER A 90 13.66 -4.94 11.92
C SER A 90 14.48 -5.92 12.75
N ASP A 91 14.01 -7.16 12.90
CA ASP A 91 14.73 -8.14 13.71
C ASP A 91 15.99 -8.63 13.00
N ALA A 92 15.88 -8.86 11.69
CA ALA A 92 17.05 -9.28 10.92
C ALA A 92 18.13 -8.21 10.94
N LEU A 93 17.73 -6.94 10.83
CA LEU A 93 18.71 -5.86 10.79
C LEU A 93 19.45 -5.72 12.13
N GLU A 94 18.73 -5.78 13.24
CA GLU A 94 19.39 -5.78 14.55
C GLU A 94 20.34 -6.97 14.68
N GLN A 95 19.88 -8.16 14.29
CA GLN A 95 20.74 -9.33 14.31
C GLN A 95 21.94 -9.14 13.39
N ALA A 96 21.71 -8.60 12.19
CA ALA A 96 22.81 -8.43 11.24
C ALA A 96 23.85 -7.46 11.76
N LEU A 97 23.41 -6.28 12.21
CA LEU A 97 24.35 -5.30 12.75
C LEU A 97 25.02 -5.81 14.02
N ARG A 98 24.31 -6.60 14.84
CA ARG A 98 24.93 -7.22 16.01
C ARG A 98 26.09 -8.12 15.60
N VAL A 99 25.92 -8.86 14.50
CA VAL A 99 26.98 -9.76 14.06
C VAL A 99 28.15 -8.96 13.47
N LEU A 100 27.85 -7.90 12.72
CA LEU A 100 28.92 -7.08 12.16
C LEU A 100 29.81 -6.51 13.27
N GLU A 101 29.20 -6.12 14.39
CA GLU A 101 29.99 -5.72 15.55
C GLU A 101 30.94 -6.83 15.97
N GLU A 102 30.42 -8.06 16.08
CA GLU A 102 31.25 -9.18 16.48
C GLU A 102 32.33 -9.46 15.44
N ILE A 103 31.99 -9.29 14.16
CA ILE A 103 32.97 -9.52 13.10
C ILE A 103 34.09 -8.49 13.19
N ALA A 104 33.73 -7.22 13.37
CA ALA A 104 34.74 -6.18 13.54
C ALA A 104 35.66 -6.52 14.70
N LYS A 105 35.10 -7.00 15.81
CA LYS A 105 35.93 -7.49 16.91
C LYS A 105 36.83 -8.62 16.44
N ALA A 106 36.30 -9.52 15.63
CA ALA A 106 37.12 -10.61 15.11
C ALA A 106 38.29 -10.08 14.30
N VAL A 107 38.03 -9.06 13.47
CA VAL A 107 39.13 -8.41 12.74
C VAL A 107 40.18 -7.92 13.69
N LEU A 108 39.77 -7.30 14.81
CA LEU A 108 40.73 -6.76 15.76
C LEU A 108 41.61 -7.84 16.35
N LYS A 109 41.01 -8.98 16.75
CA LYS A 109 41.78 -10.05 17.36
C LYS A 109 42.92 -10.50 16.45
N SER A 110 42.63 -10.66 15.16
CA SER A 110 43.65 -11.13 14.22
C SER A 110 44.55 -9.99 13.76
N GLU A 111 43.96 -8.95 13.17
CA GLU A 111 44.74 -7.82 12.70
C GLU A 111 45.47 -7.13 13.85
N LYS A 112 44.72 -6.70 14.87
CA LYS A 112 45.31 -6.14 16.09
C LYS A 112 45.99 -4.80 15.82
N THR A 113 45.56 -4.09 14.78
CA THR A 113 46.14 -2.81 14.41
C THR A 113 45.31 -1.66 15.01
N GLU A 114 45.91 -0.46 15.01
CA GLU A 114 45.20 0.72 15.48
C GLU A 114 43.95 0.99 14.65
N ASP A 115 44.05 0.81 13.33
CA ASP A 115 42.88 0.99 12.47
C ASP A 115 41.76 0.04 12.89
N ALA A 116 42.09 -1.22 13.18
CA ALA A 116 41.08 -2.17 13.63
C ALA A 116 40.41 -1.69 14.91
N LYS A 117 41.22 -1.24 15.88
CA LYS A 117 40.65 -0.68 17.11
C LYS A 117 39.67 0.44 16.79
N LYS A 118 40.02 1.33 15.87
CA LYS A 118 39.14 2.43 15.52
C LYS A 118 37.88 1.91 14.83
N ALA A 119 38.02 0.91 13.96
CA ALA A 119 36.87 0.39 13.23
C ALA A 119 35.87 -0.25 14.19
N VAL A 120 36.36 -1.05 15.15
CA VAL A 120 35.47 -1.70 16.10
C VAL A 120 34.64 -0.68 16.85
N LYS A 121 35.30 0.30 17.46
CA LYS A 121 34.58 1.33 18.20
C LYS A 121 33.53 2.00 17.34
N LEU A 122 33.76 2.08 16.03
CA LEU A 122 32.88 2.85 15.16
C LEU A 122 31.70 2.04 14.65
N VAL A 123 31.82 0.71 14.56
CA VAL A 123 30.70 -0.09 14.08
C VAL A 123 29.66 -0.27 15.18
N GLN A 124 30.10 -0.40 16.44
CA GLN A 124 29.16 -0.54 17.54
C GLN A 124 28.43 0.76 17.84
N GLU A 125 29.00 1.90 17.44
CA GLU A 125 28.24 3.14 17.48
C GLU A 125 27.23 3.19 16.33
N ALA A 126 27.57 2.58 15.19
CA ALA A 126 26.61 2.48 14.09
C ALA A 126 25.48 1.53 14.44
N TYR A 127 25.80 0.44 15.13
CA TYR A 127 24.77 -0.49 15.60
C TYR A 127 23.90 0.17 16.67
N LYS A 128 24.52 0.93 17.58
CA LYS A 128 23.74 1.62 18.60
C LYS A 128 22.78 2.63 17.98
N ALA A 129 23.24 3.36 16.97
CA ALA A 129 22.37 4.35 16.32
C ALA A 129 21.23 3.67 15.58
N ALA A 130 21.53 2.60 14.84
CA ALA A 130 20.48 1.89 14.10
C ALA A 130 19.45 1.29 15.05
N GLN A 131 19.90 0.75 16.19
CA GLN A 131 18.98 0.18 17.17
C GLN A 131 18.05 1.26 17.71
N ARG A 132 18.61 2.40 18.12
CA ARG A 132 17.78 3.48 18.64
C ARG A 132 16.75 3.92 17.60
N ALA A 133 17.19 4.11 16.36
CA ALA A 133 16.25 4.51 15.31
C ALA A 133 15.15 3.47 15.14
N ILE A 134 15.49 2.19 15.25
CA ILE A 134 14.49 1.13 15.14
C ILE A 134 13.50 1.23 16.28
N GLU A 135 14.00 1.30 17.52
CA GLU A 135 13.12 1.36 18.68
C GLU A 135 12.19 2.57 18.60
N ALA A 136 12.74 3.74 18.25
CA ALA A 136 11.92 4.93 18.13
C ALA A 136 10.83 4.75 17.08
N ALA A 137 11.19 4.20 15.93
CA ALA A 137 10.21 4.00 14.87
C ALA A 137 9.10 3.05 15.31
N LYS A 138 9.45 2.03 16.09
CA LYS A 138 8.44 1.12 16.61
C LYS A 138 7.54 1.81 17.64
N ARG A 139 8.09 2.79 18.37
CA ARG A 139 7.28 3.51 19.35
C ARG A 139 6.22 4.37 18.68
N THR A 140 6.47 4.82 17.45
CA THR A 140 5.47 5.61 16.74
C THR A 140 4.29 4.76 16.27
N GLY A 141 4.54 3.48 16.00
CA GLY A 141 3.52 2.62 15.44
C GLY A 141 3.27 2.81 13.97
N THR A 142 3.95 3.77 13.33
CA THR A 142 3.75 4.06 11.92
C THR A 142 4.64 3.15 11.08
N PRO A 143 4.09 2.29 10.23
CA PRO A 143 4.96 1.41 9.42
C PRO A 143 5.98 2.16 8.58
N ASP A 144 5.58 3.26 7.96
CA ASP A 144 6.50 3.98 7.07
C ASP A 144 7.72 4.51 7.83
N VAL A 145 7.53 4.88 9.10
CA VAL A 145 8.67 5.28 9.91
C VAL A 145 9.55 4.07 10.22
N ILE A 146 8.94 2.90 10.35
CA ILE A 146 9.71 1.68 10.56
C ILE A 146 10.46 1.31 9.28
N LYS A 147 9.80 1.43 8.13
CA LYS A 147 10.50 1.24 6.85
C LYS A 147 11.74 2.10 6.79
N LEU A 148 11.66 3.34 7.29
CA LEU A 148 12.81 4.22 7.27
C LEU A 148 13.93 3.71 8.16
N ALA A 149 13.62 3.41 9.42
CA ALA A 149 14.63 2.86 10.32
C ALA A 149 15.31 1.65 9.72
N ILE A 150 14.55 0.79 9.05
CA ILE A 150 15.14 -0.36 8.38
C ILE A 150 16.09 0.10 7.28
N LYS A 151 15.64 1.03 6.44
CA LYS A 151 16.48 1.51 5.35
C LYS A 151 17.81 2.04 5.87
N LEU A 152 17.76 2.85 6.94
CA LEU A 152 18.99 3.40 7.50
C LEU A 152 19.90 2.30 8.04
N ALA A 153 19.32 1.30 8.70
CA ALA A 153 20.12 0.18 9.20
C ALA A 153 20.82 -0.55 8.06
N LYS A 154 20.17 -0.66 6.90
CA LYS A 154 20.82 -1.21 5.73
C LYS A 154 22.04 -0.39 5.34
N LEU A 155 21.87 0.94 5.24
CA LEU A 155 22.99 1.81 4.89
C LEU A 155 24.11 1.69 5.91
N ALA A 156 23.77 1.64 7.20
CA ALA A 156 24.79 1.50 8.24
C ALA A 156 25.52 0.17 8.11
N ALA A 157 24.81 -0.89 7.72
CA ALA A 157 25.43 -2.20 7.61
C ALA A 157 26.45 -2.24 6.47
N ARG A 158 26.04 -1.80 5.28
CA ARG A 158 26.95 -1.78 4.14
C ARG A 158 28.17 -0.91 4.44
N ALA A 159 27.94 0.31 4.94
CA ALA A 159 29.05 1.19 5.24
C ALA A 159 29.94 0.62 6.34
N ALA A 160 29.38 -0.21 7.22
CA ALA A 160 30.21 -0.90 8.21
C ALA A 160 31.04 -2.01 7.57
N LEU A 161 30.50 -2.65 6.52
CA LEU A 161 31.28 -3.66 5.80
C LEU A 161 32.51 -3.04 5.13
N GLU A 162 32.35 -1.89 4.48
CA GLU A 162 33.48 -1.24 3.82
C GLU A 162 34.58 -0.92 4.82
N VAL A 163 34.20 -0.43 6.01
CA VAL A 163 35.18 -0.20 7.06
C VAL A 163 35.91 -1.49 7.40
N ILE A 164 35.15 -2.57 7.60
CA ILE A 164 35.76 -3.88 7.88
C ILE A 164 36.72 -4.25 6.76
N LYS A 165 36.30 -4.09 5.50
CA LYS A 165 37.16 -4.45 4.38
C LYS A 165 38.43 -3.61 4.39
N ARG A 166 38.29 -2.29 4.40
CA ARG A 166 39.42 -1.37 4.24
C ARG A 166 39.42 -0.37 5.42
N PRO A 167 39.78 -0.86 6.62
CA PRO A 167 39.81 0.07 7.78
C PRO A 167 40.81 1.21 7.61
N LYS A 168 41.84 1.05 6.78
CA LYS A 168 42.82 2.11 6.60
C LYS A 168 42.24 3.28 5.82
N SER A 169 41.40 3.00 4.82
CA SER A 169 40.87 4.04 3.97
C SER A 169 40.11 5.07 4.80
N GLU A 170 40.47 6.35 4.62
CA GLU A 170 39.76 7.43 5.30
C GLU A 170 38.44 7.76 4.62
N GLU A 171 38.36 7.62 3.30
CA GLU A 171 37.10 7.84 2.60
C GLU A 171 36.02 6.91 3.16
N VAL A 172 36.34 5.62 3.26
CA VAL A 172 35.40 4.65 3.83
C VAL A 172 35.00 5.06 5.25
N ASN A 173 35.99 5.39 6.08
CA ASN A 173 35.72 5.70 7.48
C ASN A 173 34.83 6.92 7.62
N GLU A 174 35.11 7.97 6.82
CA GLU A 174 34.28 9.17 6.90
C GLU A 174 32.86 8.90 6.42
N ALA A 175 32.70 8.00 5.46
CA ALA A 175 31.36 7.70 4.94
C ALA A 175 30.44 7.20 6.04
N LEU A 176 30.94 6.32 6.92
CA LEU A 176 30.13 5.81 8.01
C LEU A 176 29.86 6.90 9.04
N LYS A 177 30.88 7.72 9.36
CA LYS A 177 30.67 8.84 10.25
C LYS A 177 29.49 9.70 9.80
N LYS A 178 29.37 9.93 8.49
CA LYS A 178 28.25 10.70 7.98
C LYS A 178 26.93 9.97 8.25
N ILE A 179 26.90 8.67 7.96
CA ILE A 179 25.67 7.89 8.13
C ILE A 179 25.25 7.88 9.59
N VAL A 180 26.19 7.58 10.50
CA VAL A 180 25.84 7.50 11.91
C VAL A 180 25.27 8.82 12.39
N LYS A 181 25.92 9.94 12.03
CA LYS A 181 25.41 11.24 12.40
C LYS A 181 23.99 11.44 11.89
N ALA A 182 23.77 11.17 10.59
CA ALA A 182 22.45 11.36 9.99
C ALA A 182 21.38 10.55 10.73
N ILE A 183 21.69 9.30 11.09
CA ILE A 183 20.74 8.48 11.84
C ILE A 183 20.41 9.14 13.17
N GLN A 184 21.45 9.56 13.91
CA GLN A 184 21.24 10.23 15.18
C GLN A 184 20.39 11.49 15.01
N GLU A 185 20.57 12.20 13.89
CA GLU A 185 19.77 13.38 13.61
C GLU A 185 18.31 13.01 13.34
N ALA A 186 18.09 11.89 12.65
CA ALA A 186 16.72 11.46 12.37
C ALA A 186 16.00 11.07 13.66
N VAL A 187 16.69 10.39 14.57
CA VAL A 187 16.08 10.00 15.84
C VAL A 187 15.62 11.24 16.60
N GLU A 188 16.52 12.20 16.80
CA GLU A 188 16.17 13.42 17.51
C GLU A 188 15.01 14.14 16.82
N SER A 189 15.07 14.26 15.50
CA SER A 189 14.00 14.94 14.77
C SER A 189 12.66 14.22 14.96
N LEU A 190 12.67 12.88 14.87
CA LEU A 190 11.44 12.13 15.12
C LEU A 190 10.86 12.45 16.48
N ARG A 191 11.71 12.41 17.52
CA ARG A 191 11.24 12.75 18.87
C ARG A 191 10.67 14.17 18.91
N GLU A 192 11.37 15.12 18.28
CA GLU A 192 10.92 16.51 18.32
C GLU A 192 9.66 16.72 17.47
N ALA A 193 9.54 16.00 16.36
CA ALA A 193 8.36 16.13 15.51
C ALA A 193 7.08 15.72 16.26
N GLU A 194 7.20 14.87 17.26
CA GLU A 194 6.06 14.42 18.05
C GLU A 194 5.97 15.11 19.42
N GLU A 195 7.09 15.43 20.04
CA GLU A 195 7.09 15.96 21.39
C GLU A 195 7.07 17.47 21.46
N SER A 196 7.53 18.17 20.42
CA SER A 196 7.76 19.60 20.52
C SER A 196 6.49 20.33 20.95
N GLY A 197 6.68 21.46 21.62
CA GLY A 197 5.58 22.25 22.13
C GLY A 197 4.94 23.14 21.08
N ASP A 198 5.75 23.78 20.23
CA ASP A 198 5.22 24.74 19.26
C ASP A 198 5.23 24.14 17.85
N PRO A 199 4.34 24.59 16.97
CA PRO A 199 4.25 23.94 15.64
C PRO A 199 5.44 24.23 14.75
N GLU A 200 6.09 25.39 14.91
CA GLU A 200 7.21 25.72 14.03
C GLU A 200 8.34 24.70 14.15
N LYS A 201 8.63 24.26 15.37
CA LYS A 201 9.70 23.30 15.58
C LYS A 201 9.32 21.92 15.04
N ARG A 202 8.05 21.52 15.21
CA ARG A 202 7.62 20.25 14.64
C ARG A 202 7.84 20.21 13.14
N GLU A 203 7.33 21.22 12.43
CA GLU A 203 7.50 21.29 10.98
C GLU A 203 8.97 21.20 10.59
N LYS A 204 9.82 21.98 11.25
CA LYS A 204 11.25 21.92 10.95
C LYS A 204 11.81 20.53 11.22
N ALA A 205 11.32 19.87 12.27
CA ALA A 205 11.81 18.53 12.58
C ALA A 205 11.44 17.56 11.47
N ARG A 206 10.21 17.62 10.98
CA ARG A 206 9.78 16.74 9.90
C ARG A 206 10.67 16.93 8.67
N GLU A 207 10.81 18.18 8.21
CA GLU A 207 11.74 18.46 7.12
C GLU A 207 13.16 18.00 7.46
N ARG A 208 13.51 17.98 8.75
CA ARG A 208 14.84 17.53 9.15
C ARG A 208 14.99 16.04 8.95
N VAL A 209 14.01 15.25 9.39
CA VAL A 209 14.03 13.80 9.17
C VAL A 209 14.34 13.50 7.71
N ARG A 210 13.52 14.05 6.81
CA ARG A 210 13.68 13.77 5.39
C ARG A 210 15.05 14.18 4.89
N GLU A 211 15.56 15.33 5.37
CA GLU A 211 16.86 15.80 4.92
C GLU A 211 17.98 14.86 5.35
N ALA A 212 17.91 14.32 6.56
CA ALA A 212 18.96 13.44 7.04
C ALA A 212 19.00 12.13 6.24
N VAL A 213 17.85 11.66 5.77
CA VAL A 213 17.81 10.42 5.01
C VAL A 213 18.50 10.61 3.66
N GLU A 214 18.12 11.67 2.94
CA GLU A 214 18.72 11.93 1.63
C GLU A 214 20.23 12.04 1.73
N ARG A 215 20.72 12.69 2.78
CA ARG A 215 22.16 12.84 2.97
C ARG A 215 22.85 11.48 3.08
N ALA A 216 22.32 10.61 3.95
CA ALA A 216 22.90 9.28 4.09
C ALA A 216 22.79 8.49 2.79
N GLU A 217 21.71 8.69 2.03
CA GLU A 217 21.60 8.04 0.73
C GLU A 217 22.66 8.55 -0.23
N GLU A 218 22.99 9.85 -0.16
CA GLU A 218 24.00 10.41 -1.04
C GLU A 218 25.39 9.87 -0.72
N VAL A 219 25.68 9.61 0.55
CA VAL A 219 26.97 9.04 0.95
C VAL A 219 27.17 7.70 0.26
N GLY B 2 3.43 15.43 21.47
CA GLY B 2 3.12 16.58 22.30
C GLY B 2 2.43 17.69 21.53
N THR B 3 1.58 18.44 22.23
CA THR B 3 0.79 19.50 21.62
C THR B 3 1.17 20.83 22.26
N THR B 4 0.85 21.92 21.56
CA THR B 4 0.97 23.25 22.13
C THR B 4 -0.20 23.52 23.06
N GLU B 5 0.03 24.39 24.05
CA GLU B 5 -1.02 24.72 25.00
C GLU B 5 -2.26 25.30 24.32
N ASP B 6 -2.12 25.84 23.11
CA ASP B 6 -3.27 26.35 22.38
C ASP B 6 -4.18 25.22 21.90
N GLU B 7 -3.58 24.12 21.43
CA GLU B 7 -4.37 22.97 20.99
C GLU B 7 -5.10 22.33 22.17
N ARG B 8 -4.38 22.12 23.28
CA ARG B 8 -5.02 21.54 24.45
C ARG B 8 -6.13 22.43 24.99
N ARG B 9 -5.90 23.74 25.00
CA ARG B 9 -6.91 24.66 25.50
C ARG B 9 -8.13 24.69 24.59
N GLU B 10 -7.91 24.80 23.27
CA GLU B 10 -9.02 24.84 22.33
C GLU B 10 -9.85 23.56 22.39
N LEU B 11 -9.18 22.40 22.49
CA LEU B 11 -9.92 21.14 22.58
C LEU B 11 -10.75 21.09 23.86
N GLU B 12 -10.28 21.69 24.94
CA GLU B 12 -11.09 21.82 26.14
C GLU B 12 -12.31 22.69 25.89
N LYS B 13 -12.16 23.71 25.04
CA LYS B 13 -13.30 24.56 24.69
C LYS B 13 -14.34 23.77 23.89
N VAL B 14 -13.88 23.00 22.90
CA VAL B 14 -14.81 22.19 22.10
C VAL B 14 -15.53 21.18 22.99
N ALA B 15 -14.79 20.53 23.89
CA ALA B 15 -15.42 19.58 24.80
C ALA B 15 -16.54 20.24 25.59
N ARG B 16 -16.31 21.44 26.11
CA ARG B 16 -17.37 22.17 26.80
C ARG B 16 -18.61 22.29 25.94
N LYS B 17 -18.46 22.89 24.75
CA LYS B 17 -19.61 23.12 23.88
C LYS B 17 -20.26 21.81 23.46
N ALA B 18 -19.45 20.79 23.15
CA ALA B 18 -20.01 19.53 22.70
C ALA B 18 -20.85 18.87 23.79
N ILE B 19 -20.33 18.81 25.01
CA ILE B 19 -21.09 18.22 26.11
C ILE B 19 -22.35 19.01 26.37
N GLU B 20 -22.23 20.34 26.44
CA GLU B 20 -23.40 21.19 26.63
C GLU B 20 -24.45 20.93 25.55
N ALA B 21 -24.00 20.88 24.30
CA ALA B 21 -24.94 20.59 23.21
C ALA B 21 -25.55 19.21 23.36
N ALA B 22 -24.79 18.25 23.89
CA ALA B 22 -25.32 16.91 24.09
C ALA B 22 -26.43 16.91 25.15
N ARG B 23 -26.25 17.65 26.24
CA ARG B 23 -27.26 17.70 27.29
C ARG B 23 -28.55 18.37 26.79
N GLU B 24 -28.41 19.43 25.99
CA GLU B 24 -29.57 20.13 25.46
C GLU B 24 -30.16 19.46 24.23
N GLY B 25 -29.51 18.44 23.70
CA GLY B 25 -30.02 17.76 22.52
C GLY B 25 -29.79 18.52 21.23
N ASN B 26 -28.81 19.42 21.18
CA ASN B 26 -28.50 20.18 19.97
C ASN B 26 -27.55 19.37 19.10
N THR B 27 -28.10 18.33 18.47
CA THR B 27 -27.31 17.43 17.65
C THR B 27 -26.55 18.17 16.56
N ASP B 28 -27.14 19.23 16.01
CA ASP B 28 -26.44 20.04 15.02
C ASP B 28 -25.18 20.66 15.61
N GLU B 29 -25.28 21.20 16.82
CA GLU B 29 -24.10 21.78 17.47
C GLU B 29 -23.10 20.70 17.86
N VAL B 30 -23.59 19.55 18.32
CA VAL B 30 -22.70 18.43 18.64
C VAL B 30 -21.86 18.05 17.44
N ARG B 31 -22.48 17.97 16.26
CA ARG B 31 -21.76 17.54 15.06
C ARG B 31 -20.62 18.50 14.74
N GLU B 32 -20.91 19.80 14.68
CA GLU B 32 -19.91 20.79 14.31
C GLU B 32 -18.77 20.83 15.31
N GLN B 33 -19.08 20.73 16.60
CA GLN B 33 -18.04 20.78 17.61
C GLN B 33 -17.15 19.53 17.55
N LEU B 34 -17.77 18.35 17.45
CA LEU B 34 -16.99 17.14 17.24
C LEU B 34 -16.16 17.25 15.97
N GLN B 35 -16.73 17.83 14.91
CA GLN B 35 -15.96 18.07 13.69
C GLN B 35 -14.74 18.93 13.98
N ARG B 36 -14.89 19.94 14.85
CA ARG B 36 -13.76 20.78 15.22
C ARG B 36 -12.66 19.95 15.85
N ALA B 37 -13.01 19.11 16.83
CA ALA B 37 -12.01 18.26 17.48
C ALA B 37 -11.26 17.43 16.45
N LEU B 38 -11.98 16.87 15.46
CA LEU B 38 -11.31 16.14 14.39
C LEU B 38 -10.33 17.02 13.63
N GLU B 39 -10.79 18.21 13.22
CA GLU B 39 -9.94 19.12 12.46
C GLU B 39 -8.70 19.50 13.26
N ILE B 40 -8.86 19.72 14.57
CA ILE B 40 -7.70 20.01 15.42
C ILE B 40 -6.72 18.86 15.37
N ALA B 41 -7.21 17.63 15.53
CA ALA B 41 -6.34 16.46 15.47
C ALA B 41 -5.57 16.41 14.16
N ARG B 42 -6.23 16.80 13.06
CA ARG B 42 -5.54 16.80 11.77
C ARG B 42 -4.49 17.91 11.70
N GLU B 43 -4.81 19.07 12.28
CA GLU B 43 -3.87 20.19 12.27
C GLU B 43 -2.65 19.87 13.15
N SER B 44 -2.89 19.41 14.38
CA SER B 44 -1.79 19.08 15.27
C SER B 44 -0.94 17.95 14.70
N GLY B 45 -1.60 16.87 14.29
CA GLY B 45 -0.89 15.75 13.70
C GLY B 45 -0.04 14.96 14.67
N THR B 46 -0.36 15.00 15.96
CA THR B 46 0.41 14.31 16.99
C THR B 46 -0.46 13.27 17.67
N LYS B 47 0.19 12.29 18.28
CA LYS B 47 -0.52 11.25 19.01
C LYS B 47 -1.37 11.84 20.12
N THR B 48 -0.83 12.81 20.86
CA THR B 48 -1.56 13.38 21.99
C THR B 48 -2.85 14.05 21.54
N ALA B 49 -2.77 14.86 20.48
CA ALA B 49 -3.98 15.52 19.97
C ALA B 49 -5.03 14.49 19.56
N VAL B 50 -4.62 13.49 18.78
CA VAL B 50 -5.54 12.42 18.39
C VAL B 50 -6.17 11.79 19.62
N LYS B 51 -5.34 11.41 20.59
CA LYS B 51 -5.86 10.81 21.81
C LYS B 51 -6.84 11.73 22.51
N LEU B 52 -6.51 13.03 22.59
CA LEU B 52 -7.41 13.97 23.24
C LEU B 52 -8.72 14.09 22.46
N ALA B 53 -8.63 14.18 21.13
CA ALA B 53 -9.84 14.24 20.32
C ALA B 53 -10.74 13.06 20.62
N LEU B 54 -10.18 11.85 20.66
CA LEU B 54 -10.97 10.66 20.98
C LEU B 54 -11.53 10.73 22.39
N ASP B 55 -10.85 11.43 23.30
CA ASP B 55 -11.36 11.59 24.65
C ASP B 55 -12.60 12.47 24.67
N VAL B 56 -12.60 13.54 23.86
CA VAL B 56 -13.78 14.39 23.77
C VAL B 56 -14.96 13.60 23.24
N ALA B 57 -14.78 12.92 22.12
CA ALA B 57 -15.86 12.13 21.52
C ALA B 57 -16.44 11.14 22.51
N LEU B 58 -15.58 10.47 23.29
CA LEU B 58 -16.10 9.53 24.29
C LEU B 58 -16.96 10.26 25.32
N ARG B 59 -16.45 11.34 25.89
CA ARG B 59 -17.20 12.06 26.91
C ARG B 59 -18.52 12.57 26.36
N VAL B 60 -18.54 13.03 25.11
CA VAL B 60 -19.78 13.47 24.48
C VAL B 60 -20.74 12.29 24.35
N ALA B 61 -20.22 11.13 23.94
CA ALA B 61 -21.09 9.95 23.82
C ALA B 61 -21.61 9.51 25.18
N GLN B 62 -20.74 9.55 26.20
CA GLN B 62 -21.20 9.22 27.55
C GLN B 62 -22.27 10.18 28.02
N GLU B 63 -22.11 11.46 27.69
CA GLU B 63 -23.07 12.47 28.11
C GLU B 63 -24.36 12.41 27.29
N ALA B 64 -24.29 11.91 26.06
CA ALA B 64 -25.50 11.69 25.29
C ALA B 64 -26.26 10.46 25.78
N ALA B 65 -25.54 9.46 26.30
CA ALA B 65 -26.18 8.25 26.79
C ALA B 65 -26.96 8.51 28.07
N LYS B 66 -26.47 9.42 28.92
CA LYS B 66 -27.20 9.72 30.15
C LYS B 66 -28.53 10.39 29.86
N ARG B 67 -28.63 11.13 28.76
CA ARG B 67 -29.83 11.87 28.39
C ARG B 67 -30.60 11.18 27.27
N GLY B 68 -30.33 9.92 27.01
CA GLY B 68 -31.05 9.19 25.97
C GLY B 68 -30.99 9.84 24.60
N ASN B 69 -29.88 10.49 24.26
CA ASN B 69 -29.72 11.17 22.97
C ASN B 69 -28.92 10.24 22.07
N LYS B 70 -29.62 9.37 21.34
CA LYS B 70 -28.96 8.38 20.51
C LYS B 70 -28.26 9.04 19.33
N ASP B 71 -28.83 10.11 18.78
CA ASP B 71 -28.21 10.78 17.65
C ASP B 71 -26.84 11.31 18.00
N ALA B 72 -26.72 11.97 19.16
CA ALA B 72 -25.43 12.52 19.59
C ALA B 72 -24.42 11.41 19.84
N ILE B 73 -24.88 10.24 20.30
CA ILE B 73 -23.99 9.09 20.44
C ILE B 73 -23.41 8.69 19.09
N ASP B 74 -24.26 8.60 18.06
CA ASP B 74 -23.79 8.15 16.77
C ASP B 74 -22.79 9.12 16.16
N GLU B 75 -23.00 10.42 16.33
CA GLU B 75 -22.04 11.40 15.81
C GLU B 75 -20.67 11.20 16.44
N ALA B 76 -20.64 11.00 17.76
CA ALA B 76 -19.37 10.75 18.43
C ALA B 76 -18.72 9.48 17.90
N ALA B 77 -19.47 8.38 17.89
CA ALA B 77 -18.93 7.13 17.35
C ALA B 77 -18.47 7.32 15.90
N GLU B 78 -19.19 8.13 15.14
CA GLU B 78 -18.80 8.40 13.75
C GLU B 78 -17.45 9.09 13.70
N VAL B 79 -17.26 10.14 14.49
CA VAL B 79 -16.01 10.89 14.47
C VAL B 79 -14.84 10.02 14.93
N VAL B 80 -15.07 9.12 15.90
CA VAL B 80 -14.04 8.18 16.32
C VAL B 80 -13.55 7.36 15.14
N VAL B 81 -14.47 6.84 14.33
CA VAL B 81 -14.09 6.02 13.18
C VAL B 81 -13.33 6.85 12.16
N ARG B 82 -13.78 8.09 11.92
CA ARG B 82 -13.09 8.92 10.93
C ARG B 82 -11.68 9.25 11.38
N ILE B 83 -11.51 9.58 12.66
CA ILE B 83 -10.17 9.75 13.23
C ILE B 83 -9.33 8.52 12.93
N ALA B 84 -9.88 7.33 13.18
CA ALA B 84 -9.14 6.10 13.00
C ALA B 84 -8.87 5.79 11.52
N GLU B 85 -9.81 6.13 10.64
CA GLU B 85 -9.66 5.77 9.23
C GLU B 85 -8.57 6.59 8.54
N GLU B 86 -8.34 7.83 8.99
CA GLU B 86 -7.22 8.62 8.49
C GLU B 86 -6.08 8.64 9.50
N SER B 87 -5.73 7.45 9.97
CA SER B 87 -4.61 7.23 10.85
C SER B 87 -3.76 6.11 10.27
N ASN B 88 -2.46 6.14 10.57
CA ASN B 88 -1.53 5.16 10.03
C ASN B 88 -0.59 4.61 11.10
N ASN B 89 -1.06 4.57 12.35
CA ASN B 89 -0.28 3.97 13.42
C ASN B 89 -1.21 3.16 14.31
N SER B 90 -0.67 2.04 14.81
CA SER B 90 -1.49 1.06 15.50
C SER B 90 -2.10 1.62 16.79
N ASP B 91 -1.40 2.56 17.43
CA ASP B 91 -1.89 3.08 18.71
C ASP B 91 -3.21 3.82 18.53
N ALA B 92 -3.31 4.66 17.51
CA ALA B 92 -4.55 5.37 17.24
C ALA B 92 -5.72 4.41 17.07
N LEU B 93 -5.50 3.31 16.33
CA LEU B 93 -6.56 2.32 16.13
C LEU B 93 -6.93 1.65 17.44
N GLU B 94 -5.93 1.23 18.23
CA GLU B 94 -6.20 0.63 19.52
C GLU B 94 -7.02 1.56 20.40
N GLN B 95 -6.73 2.86 20.35
CA GLN B 95 -7.47 3.83 21.15
C GLN B 95 -8.89 3.97 20.63
N ALA B 96 -9.05 4.14 19.31
CA ALA B 96 -10.38 4.31 18.75
C ALA B 96 -11.27 3.11 19.08
N LEU B 97 -10.78 1.90 18.83
CA LEU B 97 -11.55 0.70 19.14
C LEU B 97 -11.92 0.65 20.61
N ARG B 98 -10.99 1.06 21.48
CA ARG B 98 -11.29 1.09 22.91
C ARG B 98 -12.44 2.05 23.20
N VAL B 99 -12.42 3.22 22.56
CA VAL B 99 -13.49 4.20 22.78
C VAL B 99 -14.83 3.65 22.32
N LEU B 100 -14.85 2.99 21.16
CA LEU B 100 -16.09 2.41 20.68
C LEU B 100 -16.62 1.36 21.66
N GLU B 101 -15.73 0.59 22.27
CA GLU B 101 -16.13 -0.32 23.33
C GLU B 101 -16.79 0.46 24.47
N GLU B 102 -16.16 1.55 24.91
CA GLU B 102 -16.71 2.30 26.03
C GLU B 102 -18.07 2.89 25.69
N ILE B 103 -18.24 3.35 24.45
CA ILE B 103 -19.54 3.88 24.04
C ILE B 103 -20.61 2.81 24.17
N ALA B 104 -20.35 1.62 23.61
CA ALA B 104 -21.29 0.52 23.73
C ALA B 104 -21.62 0.23 25.18
N LYS B 105 -20.60 0.25 26.06
CA LYS B 105 -20.85 0.04 27.48
C LYS B 105 -21.72 1.15 28.05
N ALA B 106 -21.44 2.41 27.68
CA ALA B 106 -22.25 3.52 28.15
C ALA B 106 -23.71 3.35 27.73
N VAL B 107 -23.94 2.95 26.48
CA VAL B 107 -25.30 2.65 26.03
C VAL B 107 -25.93 1.61 26.94
N LEU B 108 -25.20 0.52 27.20
CA LEU B 108 -25.73 -0.56 28.04
C LEU B 108 -26.09 -0.04 29.43
N LYS B 109 -25.31 0.90 29.96
CA LYS B 109 -25.59 1.47 31.27
C LYS B 109 -26.94 2.20 31.27
N SER B 110 -27.24 2.90 30.18
CA SER B 110 -28.51 3.61 30.05
C SER B 110 -29.63 2.67 29.60
N GLU B 111 -29.37 1.86 28.57
CA GLU B 111 -30.39 0.97 28.04
C GLU B 111 -30.69 -0.16 29.02
N LYS B 112 -29.67 -0.91 29.42
CA LYS B 112 -29.82 -2.06 30.32
C LYS B 112 -30.69 -3.15 29.68
N THR B 113 -30.51 -3.37 28.38
CA THR B 113 -31.27 -4.36 27.63
C THR B 113 -30.35 -5.48 27.16
N GLU B 114 -30.96 -6.60 26.78
CA GLU B 114 -30.18 -7.74 26.32
C GLU B 114 -29.53 -7.46 24.97
N ASP B 115 -30.15 -6.63 24.14
CA ASP B 115 -29.55 -6.26 22.86
C ASP B 115 -28.32 -5.40 23.05
N ALA B 116 -28.40 -4.43 23.97
CA ALA B 116 -27.23 -3.61 24.27
C ALA B 116 -26.08 -4.45 24.80
N LYS B 117 -26.39 -5.48 25.60
CA LYS B 117 -25.36 -6.36 26.13
C LYS B 117 -24.67 -7.13 25.01
N LYS B 118 -25.45 -7.63 24.03
CA LYS B 118 -24.86 -8.32 22.89
C LYS B 118 -23.94 -7.39 22.10
N ALA B 119 -24.38 -6.14 21.88
CA ALA B 119 -23.56 -5.20 21.13
C ALA B 119 -22.22 -4.97 21.82
N VAL B 120 -22.23 -4.82 23.14
CA VAL B 120 -20.98 -4.64 23.88
C VAL B 120 -20.04 -5.82 23.63
N LYS B 121 -20.50 -7.03 23.98
CA LYS B 121 -19.67 -8.22 23.80
C LYS B 121 -19.15 -8.31 22.37
N LEU B 122 -20.00 -7.98 21.40
CA LEU B 122 -19.59 -8.06 20.00
C LEU B 122 -18.50 -7.04 19.70
N VAL B 123 -18.70 -5.78 20.11
CA VAL B 123 -17.68 -4.75 19.91
C VAL B 123 -16.36 -5.17 20.54
N GLN B 124 -16.43 -5.74 21.75
CA GLN B 124 -15.21 -6.16 22.44
C GLN B 124 -14.41 -7.13 21.59
N GLU B 125 -15.07 -8.11 20.99
CA GLU B 125 -14.34 -9.11 20.20
C GLU B 125 -13.68 -8.48 18.98
N ALA B 126 -14.29 -7.46 18.39
CA ALA B 126 -13.64 -6.72 17.33
C ALA B 126 -12.39 -6.03 17.86
N TYR B 127 -12.52 -5.37 19.01
CA TYR B 127 -11.38 -4.70 19.64
C TYR B 127 -10.27 -5.71 19.91
N LYS B 128 -10.60 -6.85 20.54
CA LYS B 128 -9.59 -7.83 20.87
C LYS B 128 -8.98 -8.45 19.61
N ALA B 129 -9.81 -8.78 18.63
CA ALA B 129 -9.28 -9.38 17.41
C ALA B 129 -8.30 -8.45 16.72
N ALA B 130 -8.67 -7.17 16.58
CA ALA B 130 -7.76 -6.20 15.97
C ALA B 130 -6.49 -6.06 16.80
N GLN B 131 -6.63 -5.99 18.12
CA GLN B 131 -5.47 -5.89 18.99
C GLN B 131 -4.52 -7.06 18.77
N ARG B 132 -5.06 -8.27 18.65
CA ARG B 132 -4.21 -9.44 18.42
C ARG B 132 -3.55 -9.38 17.06
N ALA B 133 -4.27 -8.91 16.05
CA ALA B 133 -3.67 -8.75 14.73
C ALA B 133 -2.49 -7.79 14.78
N ILE B 134 -2.62 -6.70 15.54
CA ILE B 134 -1.55 -5.72 15.65
C ILE B 134 -0.36 -6.32 16.36
N GLU B 135 -0.59 -7.04 17.46
CA GLU B 135 0.51 -7.65 18.18
C GLU B 135 1.23 -8.69 17.33
N ALA B 136 0.47 -9.54 16.64
CA ALA B 136 1.10 -10.53 15.76
C ALA B 136 1.90 -9.85 14.66
N ALA B 137 1.36 -8.76 14.10
CA ALA B 137 2.09 -8.02 13.07
C ALA B 137 3.39 -7.45 13.63
N LYS B 138 3.33 -6.91 14.86
CA LYS B 138 4.54 -6.38 15.49
C LYS B 138 5.59 -7.47 15.69
N ARG B 139 5.15 -8.68 16.00
CA ARG B 139 6.11 -9.77 16.20
C ARG B 139 6.95 -10.02 14.96
N THR B 140 6.32 -9.93 13.78
CA THR B 140 7.07 -10.10 12.54
C THR B 140 8.08 -8.99 12.34
N GLY B 141 7.80 -7.79 12.85
CA GLY B 141 8.66 -6.66 12.60
C GLY B 141 8.66 -6.17 11.17
N THR B 142 7.65 -6.55 10.39
CA THR B 142 7.60 -6.21 8.97
C THR B 142 6.64 -5.05 8.76
N PRO B 143 7.09 -3.92 8.20
CA PRO B 143 6.14 -2.79 8.03
C PRO B 143 4.88 -3.16 7.26
N ASP B 144 5.01 -3.91 6.16
CA ASP B 144 3.85 -4.21 5.33
C ASP B 144 2.84 -5.08 6.08
N VAL B 145 3.30 -5.87 7.04
CA VAL B 145 2.38 -6.67 7.84
C VAL B 145 1.68 -5.79 8.88
N ILE B 146 2.37 -4.77 9.40
CA ILE B 146 1.72 -3.84 10.31
C ILE B 146 0.71 -2.99 9.56
N LYS B 147 1.03 -2.61 8.33
CA LYS B 147 0.04 -1.91 7.50
C LYS B 147 -1.21 -2.75 7.34
N LEU B 148 -1.05 -4.07 7.22
CA LEU B 148 -2.18 -4.97 7.07
C LEU B 148 -3.05 -4.94 8.33
N ALA B 149 -2.43 -5.09 9.50
CA ALA B 149 -3.19 -5.13 10.75
C ALA B 149 -3.96 -3.83 10.96
N ILE B 150 -3.32 -2.69 10.68
CA ILE B 150 -4.00 -1.40 10.80
C ILE B 150 -5.20 -1.37 9.87
N LYS B 151 -5.02 -1.76 8.61
CA LYS B 151 -6.12 -1.80 7.69
C LYS B 151 -7.26 -2.66 8.23
N LEU B 152 -6.94 -3.84 8.75
CA LEU B 152 -7.97 -4.70 9.33
C LEU B 152 -8.63 -4.05 10.54
N ALA B 153 -7.84 -3.35 11.36
CA ALA B 153 -8.41 -2.67 12.52
C ALA B 153 -9.41 -1.61 12.10
N LYS B 154 -9.14 -0.92 10.98
CA LYS B 154 -10.07 0.07 10.48
C LYS B 154 -11.40 -0.56 10.08
N LEU B 155 -11.34 -1.69 9.36
CA LEU B 155 -12.57 -2.39 9.01
C LEU B 155 -13.35 -2.77 10.26
N ALA B 156 -12.65 -3.27 11.28
CA ALA B 156 -13.31 -3.61 12.54
C ALA B 156 -13.96 -2.38 13.15
N ALA B 157 -13.24 -1.26 13.18
CA ALA B 157 -13.77 -0.04 13.78
C ALA B 157 -15.06 0.40 13.10
N ARG B 158 -15.07 0.40 11.77
CA ARG B 158 -16.28 0.78 11.03
C ARG B 158 -17.41 -0.20 11.32
N ALA B 159 -17.12 -1.50 11.31
CA ALA B 159 -18.16 -2.49 11.56
C ALA B 159 -18.69 -2.37 12.98
N ALA B 160 -17.81 -2.07 13.95
CA ALA B 160 -18.27 -1.80 15.30
C ALA B 160 -19.20 -0.59 15.34
N LEU B 161 -18.86 0.44 14.57
CA LEU B 161 -19.70 1.64 14.52
C LEU B 161 -21.11 1.30 14.09
N GLU B 162 -21.25 0.52 13.01
CA GLU B 162 -22.58 0.16 12.52
C GLU B 162 -23.38 -0.61 13.56
N VAL B 163 -22.70 -1.48 14.32
CA VAL B 163 -23.38 -2.20 15.39
C VAL B 163 -23.90 -1.22 16.43
N ILE B 164 -23.10 -0.22 16.79
CA ILE B 164 -23.52 0.75 17.81
C ILE B 164 -24.77 1.50 17.35
N LYS B 165 -24.82 1.88 16.08
CA LYS B 165 -25.93 2.67 15.58
C LYS B 165 -27.11 1.83 15.09
N ARG B 166 -26.95 0.51 14.98
CA ARG B 166 -28.06 -0.38 14.63
C ARG B 166 -27.91 -1.69 15.38
N PRO B 167 -28.00 -1.67 16.71
CA PRO B 167 -27.76 -2.89 17.49
C PRO B 167 -28.70 -4.03 17.15
N LYS B 168 -29.88 -3.75 16.60
CA LYS B 168 -30.88 -4.78 16.33
C LYS B 168 -30.82 -5.31 14.91
N SER B 169 -29.93 -4.80 14.07
CA SER B 169 -29.88 -5.21 12.67
C SER B 169 -29.05 -6.48 12.54
N GLU B 170 -29.70 -7.58 12.20
CA GLU B 170 -28.99 -8.86 12.06
C GLU B 170 -27.88 -8.76 11.01
N GLU B 171 -28.17 -8.11 9.87
CA GLU B 171 -27.17 -8.00 8.81
C GLU B 171 -25.91 -7.32 9.32
N VAL B 172 -26.07 -6.25 10.10
CA VAL B 172 -24.92 -5.51 10.63
C VAL B 172 -24.11 -6.41 11.57
N ASN B 173 -24.78 -7.09 12.49
CA ASN B 173 -24.08 -7.97 13.41
C ASN B 173 -23.39 -9.10 12.67
N GLU B 174 -24.02 -9.64 11.62
CA GLU B 174 -23.39 -10.70 10.85
C GLU B 174 -22.15 -10.20 10.12
N ALA B 175 -22.20 -8.95 9.64
CA ALA B 175 -21.05 -8.39 8.93
C ALA B 175 -19.86 -8.23 9.86
N LEU B 176 -20.10 -7.81 11.11
CA LEU B 176 -19.02 -7.69 12.08
C LEU B 176 -18.51 -9.06 12.49
N LYS B 177 -19.41 -10.02 12.71
CA LYS B 177 -18.98 -11.36 13.11
C LYS B 177 -17.98 -11.95 12.11
N LYS B 178 -18.23 -11.76 10.82
CA LYS B 178 -17.39 -12.36 9.80
C LYS B 178 -16.13 -11.54 9.52
N ILE B 179 -16.13 -10.25 9.85
CA ILE B 179 -14.89 -9.48 9.86
C ILE B 179 -14.00 -9.94 11.01
N VAL B 180 -14.59 -10.14 12.19
CA VAL B 180 -13.84 -10.69 13.31
C VAL B 180 -13.29 -12.06 12.97
N LYS B 181 -14.11 -12.90 12.32
CA LYS B 181 -13.64 -14.24 11.95
C LYS B 181 -12.44 -14.16 11.02
N ALA B 182 -12.50 -13.29 10.02
CA ALA B 182 -11.39 -13.14 9.08
C ALA B 182 -10.13 -12.68 9.80
N ILE B 183 -10.26 -11.63 10.62
CA ILE B 183 -9.10 -11.12 11.36
C ILE B 183 -8.44 -12.25 12.13
N GLN B 184 -9.24 -12.99 12.91
CA GLN B 184 -8.69 -14.08 13.69
C GLN B 184 -8.01 -15.12 12.79
N GLU B 185 -8.58 -15.36 11.61
CA GLU B 185 -7.94 -16.28 10.67
C GLU B 185 -6.58 -15.76 10.25
N ALA B 186 -6.48 -14.44 10.01
CA ALA B 186 -5.19 -13.85 9.66
C ALA B 186 -4.17 -14.03 10.79
N VAL B 187 -4.61 -13.83 12.04
CA VAL B 187 -3.68 -13.91 13.17
C VAL B 187 -3.05 -15.29 13.23
N GLU B 188 -3.87 -16.33 13.43
CA GLU B 188 -3.32 -17.67 13.64
C GLU B 188 -2.62 -18.21 12.40
N SER B 189 -3.09 -17.85 11.20
CA SER B 189 -2.38 -18.25 9.99
C SER B 189 -1.03 -17.55 9.90
N LEU B 190 -0.98 -16.27 10.28
CA LEU B 190 0.29 -15.54 10.27
C LEU B 190 1.29 -16.21 11.20
N ARG B 191 0.85 -16.59 12.40
CA ARG B 191 1.72 -17.35 13.30
C ARG B 191 2.20 -18.63 12.64
N GLU B 192 1.31 -19.33 11.93
CA GLU B 192 1.71 -20.57 11.27
C GLU B 192 2.66 -20.31 10.10
N ALA B 193 2.53 -19.15 9.45
CA ALA B 193 3.40 -18.83 8.32
C ALA B 193 4.85 -18.67 8.73
N GLU B 194 5.14 -18.52 10.03
CA GLU B 194 6.49 -18.39 10.54
C GLU B 194 6.95 -19.59 11.36
N GLU B 195 6.09 -20.11 12.24
CA GLU B 195 6.49 -21.14 13.18
C GLU B 195 6.31 -22.56 12.63
N SER B 196 5.65 -22.72 11.49
CA SER B 196 5.40 -24.05 10.97
C SER B 196 6.69 -24.66 10.42
N GLY B 197 6.85 -25.96 10.65
CA GLY B 197 8.00 -26.68 10.12
C GLY B 197 7.86 -27.12 8.68
N ASP B 198 6.63 -27.36 8.24
CA ASP B 198 6.39 -27.82 6.87
C ASP B 198 6.33 -26.62 5.93
N PRO B 199 7.26 -26.49 4.97
CA PRO B 199 7.18 -25.35 4.05
C PRO B 199 5.85 -25.26 3.31
N GLU B 200 5.29 -26.39 2.88
CA GLU B 200 4.00 -26.36 2.20
C GLU B 200 2.93 -25.74 3.10
N LYS B 201 2.98 -26.03 4.40
CA LYS B 201 2.03 -25.42 5.33
C LYS B 201 2.29 -23.93 5.47
N ARG B 202 3.56 -23.52 5.40
CA ARG B 202 3.87 -22.09 5.47
C ARG B 202 3.27 -21.35 4.28
N GLU B 203 3.51 -21.86 3.07
CA GLU B 203 2.94 -21.23 1.88
C GLU B 203 1.42 -21.23 1.95
N LYS B 204 0.82 -22.29 2.47
CA LYS B 204 -0.64 -22.33 2.62
C LYS B 204 -1.11 -21.27 3.61
N ALA B 205 -0.36 -21.09 4.71
CA ALA B 205 -0.73 -20.05 5.68
C ALA B 205 -0.72 -18.68 5.03
N ARG B 206 0.26 -18.40 4.17
CA ARG B 206 0.31 -17.12 3.48
C ARG B 206 -0.94 -16.91 2.64
N GLU B 207 -1.35 -17.94 1.89
CA GLU B 207 -2.57 -17.82 1.09
C GLU B 207 -3.78 -17.55 1.98
N ARG B 208 -3.87 -18.23 3.13
CA ARG B 208 -4.99 -18.02 4.02
C ARG B 208 -5.04 -16.60 4.55
N VAL B 209 -3.88 -15.97 4.74
CA VAL B 209 -3.86 -14.55 5.14
C VAL B 209 -4.56 -13.70 4.10
N ARG B 210 -4.02 -13.69 2.87
CA ARG B 210 -4.62 -12.90 1.80
C ARG B 210 -6.12 -13.19 1.67
N GLU B 211 -6.50 -14.47 1.78
CA GLU B 211 -7.92 -14.82 1.70
C GLU B 211 -8.70 -14.14 2.82
N ALA B 212 -8.20 -14.23 4.06
CA ALA B 212 -8.89 -13.59 5.17
C ALA B 212 -9.06 -12.10 4.92
N VAL B 213 -8.02 -11.44 4.41
CA VAL B 213 -8.12 -10.02 4.10
C VAL B 213 -9.19 -9.79 3.04
N GLU B 214 -9.19 -10.63 2.00
CA GLU B 214 -10.21 -10.51 0.96
C GLU B 214 -11.61 -10.64 1.54
N ARG B 215 -11.80 -11.59 2.47
CA ARG B 215 -13.09 -11.74 3.12
C ARG B 215 -13.51 -10.45 3.81
N ALA B 216 -12.62 -9.89 4.64
CA ALA B 216 -12.94 -8.66 5.35
C ALA B 216 -13.24 -7.53 4.38
N GLU B 217 -12.42 -7.38 3.34
CA GLU B 217 -12.65 -6.36 2.33
C GLU B 217 -13.95 -6.61 1.55
N GLU B 218 -14.31 -7.88 1.35
CA GLU B 218 -15.56 -8.17 0.64
C GLU B 218 -16.78 -7.76 1.44
N VAL B 219 -16.70 -7.83 2.77
CA VAL B 219 -17.83 -7.43 3.61
C VAL B 219 -18.19 -5.97 3.36
N GLN B 220 -17.18 -5.08 3.41
CA GLN B 220 -17.43 -3.67 3.15
C GLN B 220 -18.02 -3.46 1.76
N ARG B 221 -17.46 -4.14 0.76
CA ARG B 221 -17.97 -4.02 -0.61
C ARG B 221 -19.34 -4.66 -0.74
N ASP B 222 -19.55 -5.78 -0.06
CA ASP B 222 -20.83 -6.49 -0.12
C ASP B 222 -21.94 -5.64 0.46
N THR C 3 16.91 -3.01 -9.54
CA THR C 3 16.67 -2.92 -8.10
C THR C 3 15.55 -3.89 -7.71
N THR C 4 15.95 -5.07 -7.22
CA THR C 4 14.98 -6.08 -6.85
C THR C 4 13.88 -5.53 -5.94
N GLU C 5 14.22 -4.57 -5.07
CA GLU C 5 13.21 -3.97 -4.20
C GLU C 5 12.28 -3.07 -5.00
N ASP C 6 12.83 -2.12 -5.75
CA ASP C 6 12.01 -1.22 -6.55
C ASP C 6 11.18 -2.00 -7.57
N GLU C 7 11.82 -2.92 -8.31
CA GLU C 7 11.10 -3.74 -9.27
C GLU C 7 10.04 -4.59 -8.58
N ARG C 8 10.36 -5.13 -7.40
CA ARG C 8 9.39 -5.95 -6.67
C ARG C 8 8.16 -5.13 -6.29
N ARG C 9 8.37 -3.86 -5.93
CA ARG C 9 7.25 -2.99 -5.57
C ARG C 9 6.32 -2.78 -6.77
N GLU C 10 6.90 -2.47 -7.93
CA GLU C 10 6.08 -2.26 -9.13
C GLU C 10 5.22 -3.47 -9.42
N LEU C 11 5.81 -4.67 -9.40
CA LEU C 11 5.04 -5.89 -9.62
C LEU C 11 3.94 -6.04 -8.58
N GLU C 12 4.20 -5.64 -7.34
CA GLU C 12 3.18 -5.68 -6.30
C GLU C 12 2.03 -4.73 -6.63
N LYS C 13 2.34 -3.54 -7.14
CA LYS C 13 1.30 -2.60 -7.53
C LYS C 13 0.48 -3.14 -8.70
N VAL C 14 1.17 -3.66 -9.73
CA VAL C 14 0.46 -4.23 -10.88
C VAL C 14 -0.45 -5.37 -10.44
N ALA C 15 0.07 -6.26 -9.60
CA ALA C 15 -0.73 -7.39 -9.12
C ALA C 15 -2.02 -6.91 -8.47
N ARG C 16 -1.93 -5.87 -7.64
CA ARG C 16 -3.12 -5.36 -6.97
C ARG C 16 -4.14 -4.85 -7.99
N LYS C 17 -3.69 -4.02 -8.93
CA LYS C 17 -4.61 -3.47 -9.94
C LYS C 17 -5.20 -4.59 -10.80
N ALA C 18 -4.35 -5.48 -11.32
CA ALA C 18 -4.84 -6.54 -12.18
C ALA C 18 -5.79 -7.47 -11.44
N ILE C 19 -5.45 -7.83 -10.20
CA ILE C 19 -6.32 -8.71 -9.42
C ILE C 19 -7.67 -8.04 -9.19
N GLU C 20 -7.68 -6.74 -8.92
CA GLU C 20 -8.93 -6.03 -8.69
C GLU C 20 -9.79 -6.02 -9.95
N ALA C 21 -9.20 -5.68 -11.10
CA ALA C 21 -9.95 -5.66 -12.34
C ALA C 21 -10.59 -7.01 -12.63
N ALA C 22 -9.90 -8.09 -12.30
CA ALA C 22 -10.42 -9.45 -12.50
C ALA C 22 -11.68 -9.66 -11.65
N GLU C 24 -14.26 -6.82 -10.85
CA GLU C 24 -14.64 -5.68 -11.66
C GLU C 24 -14.80 -6.09 -13.11
N GLY C 25 -14.07 -7.13 -13.50
CA GLY C 25 -14.15 -7.64 -14.85
C GLY C 25 -13.75 -6.65 -15.91
N ASN C 26 -12.88 -5.69 -15.56
CA ASN C 26 -12.38 -4.70 -16.52
C ASN C 26 -11.32 -5.39 -17.40
N THR C 27 -11.80 -6.10 -18.42
CA THR C 27 -10.92 -6.93 -19.23
C THR C 27 -9.80 -6.10 -19.86
N ASP C 28 -10.14 -4.92 -20.38
CA ASP C 28 -9.12 -4.07 -21.00
C ASP C 28 -7.98 -3.77 -20.03
N GLU C 29 -8.33 -3.37 -18.80
CA GLU C 29 -7.29 -3.12 -17.80
C GLU C 29 -6.52 -4.39 -17.46
N VAL C 30 -7.23 -5.51 -17.32
CA VAL C 30 -6.58 -6.79 -17.05
C VAL C 30 -5.50 -7.05 -18.09
N ARG C 31 -5.89 -7.01 -19.37
CA ARG C 31 -4.95 -7.34 -20.44
C ARG C 31 -3.75 -6.41 -20.45
N GLU C 32 -3.96 -5.10 -20.23
CA GLU C 32 -2.86 -4.15 -20.33
C GLU C 32 -2.02 -4.12 -19.07
N GLN C 33 -2.62 -4.40 -17.91
CA GLN C 33 -1.85 -4.48 -16.67
C GLN C 33 -0.93 -5.70 -16.70
N LEU C 34 -1.43 -6.84 -17.15
CA LEU C 34 -0.57 -8.02 -17.31
C LEU C 34 0.58 -7.73 -18.27
N GLN C 35 0.34 -6.93 -19.30
CA GLN C 35 1.42 -6.52 -20.20
C GLN C 35 2.50 -5.77 -19.43
N ARG C 36 2.10 -4.94 -18.46
CA ARG C 36 3.07 -4.22 -17.64
C ARG C 36 3.90 -5.21 -16.82
N ALA C 37 3.26 -6.23 -16.26
CA ALA C 37 4.00 -7.26 -15.53
C ALA C 37 5.05 -7.92 -16.42
N LEU C 38 4.67 -8.23 -17.67
CA LEU C 38 5.65 -8.73 -18.62
C LEU C 38 6.81 -7.76 -18.79
N GLU C 39 6.50 -6.49 -19.06
CA GLU C 39 7.54 -5.48 -19.19
C GLU C 39 8.43 -5.42 -17.95
N ILE C 40 7.83 -5.58 -16.78
CA ILE C 40 8.61 -5.60 -15.54
C ILE C 40 9.62 -6.75 -15.56
N ALA C 41 9.18 -7.93 -15.99
CA ALA C 41 10.08 -9.08 -16.07
C ALA C 41 11.19 -8.83 -17.08
N ARG C 42 10.84 -8.27 -18.24
CA ARG C 42 11.86 -8.00 -19.26
C ARG C 42 12.88 -6.98 -18.75
N GLU C 43 12.40 -5.88 -18.17
CA GLU C 43 13.32 -4.86 -17.64
C GLU C 43 14.17 -5.42 -16.51
N SER C 44 13.57 -6.18 -15.59
CA SER C 44 14.35 -6.85 -14.56
C SER C 44 15.25 -7.92 -15.16
N GLY C 45 14.67 -8.85 -15.93
CA GLY C 45 15.45 -9.86 -16.62
C GLY C 45 15.96 -10.97 -15.73
N THR C 46 15.56 -11.00 -14.48
CA THR C 46 16.03 -12.02 -13.55
C THR C 46 14.99 -13.14 -13.42
N LYS C 47 15.44 -14.29 -12.92
CA LYS C 47 14.56 -15.44 -12.75
C LYS C 47 13.46 -15.15 -11.73
N THR C 48 13.80 -14.46 -10.65
CA THR C 48 12.78 -14.09 -9.67
C THR C 48 11.72 -13.20 -10.29
N ALA C 49 12.14 -12.24 -11.11
CA ALA C 49 11.18 -11.35 -11.76
C ALA C 49 10.19 -12.14 -12.60
N VAL C 50 10.69 -13.06 -13.42
CA VAL C 50 9.80 -13.88 -14.27
C VAL C 50 8.87 -14.71 -13.41
N LYS C 51 9.40 -15.35 -12.36
CA LYS C 51 8.55 -16.14 -11.47
C LYS C 51 7.45 -15.30 -10.85
N LEU C 52 7.75 -14.05 -10.50
CA LEU C 52 6.74 -13.16 -9.94
C LEU C 52 5.61 -12.92 -10.93
N ALA C 53 5.96 -12.56 -12.17
CA ALA C 53 4.94 -12.29 -13.17
C ALA C 53 4.03 -13.50 -13.38
N LEU C 54 4.61 -14.70 -13.42
CA LEU C 54 3.80 -15.90 -13.60
C LEU C 54 2.80 -16.06 -12.47
N ASP C 55 3.26 -15.94 -11.22
CA ASP C 55 2.35 -16.02 -10.09
C ASP C 55 1.30 -14.92 -10.14
N VAL C 56 1.65 -13.74 -10.66
CA VAL C 56 0.68 -12.66 -10.82
C VAL C 56 -0.41 -13.08 -11.78
N ALA C 57 -0.03 -13.53 -12.97
CA ALA C 57 -1.02 -13.96 -13.94
C ALA C 57 -1.90 -15.07 -13.38
N LEU C 58 -1.31 -15.97 -12.57
CA LEU C 58 -2.10 -17.03 -11.95
C LEU C 58 -3.11 -16.45 -10.97
N ARG C 59 -2.67 -15.51 -10.12
CA ARG C 59 -3.60 -14.87 -9.19
C ARG C 59 -4.73 -14.19 -9.95
N VAL C 60 -4.41 -13.48 -11.02
CA VAL C 60 -5.44 -12.86 -11.85
C VAL C 60 -6.40 -13.92 -12.38
N ALA C 61 -5.86 -15.00 -12.95
CA ALA C 61 -6.70 -16.04 -13.54
C ALA C 61 -7.59 -16.69 -12.49
N GLN C 62 -7.04 -16.96 -11.31
CA GLN C 62 -7.84 -17.58 -10.25
C GLN C 62 -8.95 -16.65 -9.78
N GLU C 63 -8.61 -15.39 -9.49
CA GLU C 63 -9.62 -14.42 -9.09
C GLU C 63 -10.63 -14.20 -10.20
N ALA C 64 -10.17 -14.09 -11.45
CA ALA C 64 -11.08 -13.92 -12.57
C ALA C 64 -12.03 -15.10 -12.70
N ALA C 65 -11.48 -16.32 -12.69
CA ALA C 65 -12.32 -17.51 -12.74
C ALA C 65 -13.36 -17.50 -11.62
N LYS C 66 -13.02 -16.92 -10.46
CA LYS C 66 -13.97 -16.84 -9.36
C LYS C 66 -15.16 -15.96 -9.71
N ARG C 67 -14.95 -14.95 -10.54
CA ARG C 67 -16.00 -14.00 -10.93
C ARG C 67 -16.60 -14.35 -12.29
N GLY C 68 -16.55 -15.62 -12.68
CA GLY C 68 -17.14 -16.07 -13.93
C GLY C 68 -16.78 -15.20 -15.11
N ASN C 69 -15.50 -15.11 -15.44
CA ASN C 69 -15.02 -14.29 -16.55
C ASN C 69 -14.03 -15.13 -17.34
N LYS C 70 -14.53 -15.85 -18.35
CA LYS C 70 -13.66 -16.68 -19.18
C LYS C 70 -12.72 -15.83 -20.03
N ASP C 71 -13.16 -14.63 -20.43
CA ASP C 71 -12.29 -13.76 -21.24
C ASP C 71 -11.02 -13.41 -20.48
N ALA C 72 -11.15 -13.09 -19.19
CA ALA C 72 -9.98 -12.73 -18.39
C ALA C 72 -9.01 -13.89 -18.28
N ILE C 73 -9.53 -15.11 -18.12
CA ILE C 73 -8.67 -16.30 -18.05
C ILE C 73 -7.79 -16.38 -19.30
N ASP C 74 -8.41 -16.29 -20.47
CA ASP C 74 -7.66 -16.39 -21.72
C ASP C 74 -6.53 -15.35 -21.76
N GLU C 75 -6.81 -14.13 -21.32
CA GLU C 75 -5.78 -13.10 -21.25
C GLU C 75 -4.63 -13.54 -20.36
N ALA C 76 -4.95 -13.96 -19.13
CA ALA C 76 -3.92 -14.42 -18.19
C ALA C 76 -3.08 -15.53 -18.81
N ALA C 77 -3.73 -16.54 -19.37
CA ALA C 77 -2.98 -17.65 -19.97
C ALA C 77 -2.14 -17.16 -21.14
N GLU C 78 -2.68 -16.24 -21.95
CA GLU C 78 -1.92 -15.70 -23.08
C GLU C 78 -0.61 -15.08 -22.61
N VAL C 79 -0.65 -14.31 -21.52
CA VAL C 79 0.56 -13.65 -21.03
C VAL C 79 1.56 -14.68 -20.53
N VAL C 80 1.08 -15.76 -19.91
CA VAL C 80 1.98 -16.83 -19.47
C VAL C 80 2.82 -17.33 -20.65
N VAL C 81 2.14 -17.78 -21.71
CA VAL C 81 2.84 -18.30 -22.88
C VAL C 81 3.77 -17.24 -23.45
N ARG C 82 3.28 -16.00 -23.56
CA ARG C 82 4.11 -14.91 -24.06
C ARG C 82 5.40 -14.81 -23.26
N ILE C 83 5.29 -14.85 -21.93
CA ILE C 83 6.48 -14.87 -21.08
C ILE C 83 7.38 -16.04 -21.46
N ALA C 84 6.79 -17.24 -21.57
CA ALA C 84 7.58 -18.43 -21.87
C ALA C 84 8.23 -18.34 -23.25
N GLU C 85 7.52 -17.79 -24.23
CA GLU C 85 8.04 -17.73 -25.59
C GLU C 85 9.29 -16.84 -25.69
N GLU C 86 9.50 -15.95 -24.72
CA GLU C 86 10.69 -15.10 -24.69
C GLU C 86 11.60 -15.44 -23.53
N SER C 87 11.52 -16.68 -23.04
CA SER C 87 12.41 -17.18 -22.00
C SER C 87 13.41 -18.14 -22.61
N ASN C 88 14.61 -18.19 -22.01
CA ASN C 88 15.72 -18.96 -22.58
C ASN C 88 16.29 -19.94 -21.57
N ASN C 89 15.48 -20.37 -20.60
CA ASN C 89 15.92 -21.37 -19.63
C ASN C 89 14.75 -22.29 -19.28
N SER C 90 15.09 -23.50 -18.83
CA SER C 90 14.07 -24.53 -18.60
C SER C 90 13.23 -24.21 -17.38
N ASP C 91 13.84 -23.62 -16.34
CA ASP C 91 13.09 -23.32 -15.12
C ASP C 91 11.87 -22.46 -15.42
N ALA C 92 12.03 -21.45 -16.27
CA ALA C 92 10.93 -20.55 -16.59
C ALA C 92 9.77 -21.31 -17.22
N LEU C 93 10.07 -22.17 -18.20
CA LEU C 93 9.01 -22.88 -18.90
C LEU C 93 8.32 -23.89 -17.98
N GLU C 94 9.08 -24.56 -17.11
CA GLU C 94 8.46 -25.45 -16.14
C GLU C 94 7.49 -24.69 -15.25
N GLN C 95 7.86 -23.47 -14.84
CA GLN C 95 6.96 -22.62 -14.08
C GLN C 95 5.79 -22.16 -14.94
N ALA C 96 6.06 -21.79 -16.19
CA ALA C 96 4.99 -21.35 -17.08
C ALA C 96 3.95 -22.46 -17.28
N LEU C 97 4.41 -23.69 -17.51
CA LEU C 97 3.49 -24.80 -17.72
C LEU C 97 2.70 -25.09 -16.45
N ARG C 98 3.37 -25.11 -15.29
CA ARG C 98 2.67 -25.35 -14.04
C ARG C 98 1.51 -24.36 -13.87
N VAL C 99 1.71 -23.11 -14.27
CA VAL C 99 0.65 -22.12 -14.17
C VAL C 99 -0.55 -22.53 -15.01
N LEU C 100 -0.30 -22.94 -16.26
CA LEU C 100 -1.39 -23.39 -17.11
C LEU C 100 -2.13 -24.55 -16.48
N GLU C 101 -1.40 -25.49 -15.87
CA GLU C 101 -2.04 -26.59 -15.15
C GLU C 101 -2.98 -26.06 -14.08
N GLU C 102 -2.53 -25.08 -13.31
CA GLU C 102 -3.38 -24.50 -12.27
C GLU C 102 -4.52 -23.71 -12.87
N ILE C 103 -4.27 -22.98 -13.97
CA ILE C 103 -5.34 -22.21 -14.61
C ILE C 103 -6.43 -23.15 -15.11
N ALA C 104 -6.05 -24.30 -15.66
CA ALA C 104 -7.05 -25.28 -16.08
C ALA C 104 -7.85 -25.78 -14.88
N LYS C 105 -7.17 -26.04 -13.75
CA LYS C 105 -7.87 -26.42 -12.54
C LYS C 105 -8.79 -25.31 -12.05
N ALA C 106 -8.32 -24.06 -12.13
CA ALA C 106 -9.16 -22.94 -11.70
C ALA C 106 -10.45 -22.90 -12.50
N VAL C 107 -10.37 -23.13 -13.81
CA VAL C 107 -11.58 -23.25 -14.63
C VAL C 107 -12.48 -24.34 -14.09
N LEU C 108 -11.88 -25.43 -13.61
CA LEU C 108 -12.67 -26.50 -13.01
C LEU C 108 -13.38 -26.01 -11.75
N LYS C 109 -12.68 -25.25 -10.90
CA LYS C 109 -13.31 -24.68 -9.73
C LYS C 109 -14.52 -23.84 -10.11
N SER C 110 -14.41 -23.09 -11.21
CA SER C 110 -15.53 -22.24 -11.64
C SER C 110 -16.65 -23.08 -12.24
N GLU C 111 -16.33 -23.95 -13.19
CA GLU C 111 -17.33 -24.77 -13.88
C GLU C 111 -17.43 -26.18 -13.31
N LYS C 112 -16.30 -26.87 -13.17
CA LYS C 112 -16.28 -28.24 -12.68
C LYS C 112 -17.16 -29.15 -13.55
N THR C 113 -16.90 -29.12 -14.86
CA THR C 113 -17.69 -29.86 -15.84
C THR C 113 -16.82 -30.90 -16.51
N GLU C 114 -17.47 -31.75 -17.32
CA GLU C 114 -16.74 -32.80 -18.04
C GLU C 114 -15.77 -32.19 -19.05
N ASP C 115 -16.22 -31.20 -19.81
CA ASP C 115 -15.35 -30.54 -20.78
C ASP C 115 -14.07 -30.04 -20.11
N ALA C 116 -14.23 -29.22 -19.07
CA ALA C 116 -13.06 -28.65 -18.39
C ALA C 116 -12.22 -29.74 -17.73
N LYS C 117 -12.85 -30.82 -17.27
CA LYS C 117 -12.09 -31.93 -16.69
C LYS C 117 -11.18 -32.57 -17.73
N LYS C 118 -11.66 -32.71 -18.97
CA LYS C 118 -10.83 -33.24 -20.04
C LYS C 118 -9.68 -32.28 -20.36
N ALA C 119 -9.95 -30.97 -20.37
CA ALA C 119 -8.90 -30.00 -20.65
C ALA C 119 -7.80 -30.06 -19.60
N VAL C 120 -8.19 -30.11 -18.31
CA VAL C 120 -7.20 -30.24 -17.24
C VAL C 120 -6.30 -31.43 -17.51
N LYS C 121 -6.90 -32.60 -17.79
CA LYS C 121 -6.11 -33.80 -18.01
C LYS C 121 -5.18 -33.64 -19.20
N LEU C 122 -5.66 -33.03 -20.29
CA LEU C 122 -4.82 -32.83 -21.46
C LEU C 122 -3.64 -31.93 -21.14
N VAL C 123 -3.89 -30.82 -20.44
CA VAL C 123 -2.81 -29.91 -20.07
C VAL C 123 -1.79 -30.61 -19.18
N GLN C 124 -2.26 -31.43 -18.24
CA GLN C 124 -1.34 -32.19 -17.40
C GLN C 124 -0.44 -33.08 -18.24
N GLU C 125 -1.00 -33.72 -19.27
CA GLU C 125 -0.19 -34.57 -20.14
C GLU C 125 0.95 -33.77 -20.78
N ALA C 126 0.64 -32.58 -21.28
CA ALA C 126 1.67 -31.74 -21.89
C ALA C 126 2.73 -31.35 -20.85
N TYR C 127 2.29 -30.96 -19.65
CA TYR C 127 3.23 -30.57 -18.61
C TYR C 127 4.17 -31.71 -18.27
N LYS C 128 3.61 -32.92 -18.11
CA LYS C 128 4.44 -34.09 -17.78
C LYS C 128 5.41 -34.40 -18.91
N ALA C 129 4.94 -34.35 -20.16
CA ALA C 129 5.80 -34.66 -21.29
C ALA C 129 6.94 -33.67 -21.40
N ALA C 130 6.62 -32.37 -21.30
CA ALA C 130 7.66 -31.35 -21.37
C ALA C 130 8.72 -31.56 -20.30
N GLN C 131 8.30 -31.66 -19.03
CA GLN C 131 9.25 -31.86 -17.95
C GLN C 131 10.12 -33.10 -18.19
N ARG C 132 9.52 -34.17 -18.72
CA ARG C 132 10.31 -35.34 -19.07
C ARG C 132 11.37 -35.00 -20.12
N ALA C 133 11.01 -34.16 -21.08
CA ALA C 133 11.97 -33.75 -22.11
C ALA C 133 13.09 -32.91 -21.51
N ILE C 134 12.76 -32.04 -20.55
CA ILE C 134 13.78 -31.22 -19.91
C ILE C 134 14.80 -32.11 -19.21
N GLU C 135 14.30 -33.07 -18.42
CA GLU C 135 15.19 -33.96 -17.69
C GLU C 135 16.06 -34.78 -18.63
N ALA C 136 15.48 -35.25 -19.75
CA ALA C 136 16.25 -36.00 -20.72
C ALA C 136 17.41 -35.17 -21.26
N ALA C 137 17.13 -33.94 -21.69
CA ALA C 137 18.18 -33.06 -22.18
C ALA C 137 19.20 -32.77 -21.10
N LYS C 138 18.74 -32.54 -19.87
CA LYS C 138 19.67 -32.33 -18.76
C LYS C 138 20.58 -33.54 -18.57
N ARG C 139 20.00 -34.75 -18.65
CA ARG C 139 20.80 -35.95 -18.43
C ARG C 139 21.96 -36.03 -19.43
N THR C 140 21.73 -35.58 -20.67
CA THR C 140 22.78 -35.65 -21.68
C THR C 140 23.93 -34.71 -21.35
N GLY C 141 23.61 -33.51 -20.86
CA GLY C 141 24.61 -32.50 -20.59
C GLY C 141 24.91 -31.58 -21.75
N THR C 142 24.40 -31.88 -22.94
CA THR C 142 24.66 -31.04 -24.11
C THR C 142 23.76 -29.80 -24.07
N PRO C 143 24.32 -28.60 -24.22
CA PRO C 143 23.45 -27.40 -24.22
C PRO C 143 22.48 -27.36 -25.38
N ASP C 144 22.95 -27.64 -26.60
CA ASP C 144 22.08 -27.54 -27.77
C ASP C 144 20.87 -28.46 -27.64
N VAL C 145 21.03 -29.62 -27.00
CA VAL C 145 19.89 -30.50 -26.77
C VAL C 145 18.94 -29.86 -25.77
N ILE C 146 19.47 -29.13 -24.79
CA ILE C 146 18.61 -28.40 -23.86
C ILE C 146 17.88 -27.28 -24.58
N LYS C 147 18.54 -26.65 -25.57
CA LYS C 147 17.86 -25.68 -26.41
C LYS C 147 16.65 -26.30 -27.08
N LEU C 148 16.81 -27.51 -27.62
CA LEU C 148 15.70 -28.22 -28.23
C LEU C 148 14.58 -28.43 -27.23
N ALA C 149 14.91 -28.88 -26.01
CA ALA C 149 13.89 -29.14 -25.01
C ALA C 149 13.11 -27.88 -24.67
N ILE C 150 13.78 -26.73 -24.62
CA ILE C 150 13.09 -25.47 -24.39
C ILE C 150 12.14 -25.17 -25.54
N LYS C 151 12.58 -25.42 -26.77
CA LYS C 151 11.73 -25.17 -27.93
C LYS C 151 10.47 -26.01 -27.87
N LEU C 152 10.60 -27.30 -27.56
CA LEU C 152 9.44 -28.18 -27.50
C LEU C 152 8.47 -27.75 -26.41
N ALA C 153 9.00 -27.44 -25.22
CA ALA C 153 8.14 -27.02 -24.13
C ALA C 153 7.44 -25.70 -24.46
N LYS C 154 8.05 -24.87 -25.29
CA LYS C 154 7.38 -23.65 -25.78
C LYS C 154 6.13 -24.03 -26.58
N LEU C 155 6.28 -24.94 -27.53
CA LEU C 155 5.13 -25.38 -28.31
C LEU C 155 4.06 -26.01 -27.42
N ALA C 156 4.49 -26.88 -26.50
CA ALA C 156 3.54 -27.49 -25.58
C ALA C 156 2.77 -26.44 -24.80
N ALA C 157 3.45 -25.35 -24.43
CA ALA C 157 2.78 -24.28 -23.68
C ALA C 157 1.74 -23.58 -24.54
N ARG C 158 2.09 -23.28 -25.80
CA ARG C 158 1.14 -22.59 -26.67
C ARG C 158 -0.01 -23.50 -27.07
N ALA C 159 0.22 -24.82 -27.14
CA ALA C 159 -0.87 -25.76 -27.38
C ALA C 159 -1.80 -25.84 -26.19
N ALA C 160 -1.24 -25.95 -24.98
CA ALA C 160 -2.06 -25.95 -23.78
C ALA C 160 -2.94 -24.70 -23.70
N LEU C 161 -2.37 -23.55 -24.06
CA LEU C 161 -3.16 -22.31 -24.09
C LEU C 161 -4.36 -22.45 -25.00
N GLU C 162 -4.14 -22.94 -26.22
CA GLU C 162 -5.23 -23.04 -27.18
C GLU C 162 -6.35 -23.93 -26.65
N VAL C 163 -6.00 -25.03 -25.98
CA VAL C 163 -7.02 -25.83 -25.32
C VAL C 163 -7.80 -24.98 -24.33
N ILE C 164 -7.08 -24.27 -23.45
CA ILE C 164 -7.75 -23.38 -22.51
C ILE C 164 -8.60 -22.36 -23.25
N LYS C 165 -8.09 -21.84 -24.36
CA LYS C 165 -8.83 -20.83 -25.11
C LYS C 165 -10.06 -21.42 -25.76
N ARG C 166 -9.94 -22.60 -26.37
CA ARG C 166 -11.04 -23.29 -27.03
C ARG C 166 -11.11 -24.72 -26.48
N PRO C 167 -11.72 -24.91 -25.31
CA PRO C 167 -11.67 -26.24 -24.68
C PRO C 167 -12.24 -27.36 -25.56
N LYS C 168 -13.47 -27.19 -26.05
CA LYS C 168 -14.14 -28.19 -26.87
C LYS C 168 -13.84 -27.90 -28.33
N SER C 169 -12.73 -28.43 -28.83
CA SER C 169 -12.33 -28.23 -30.22
C SER C 169 -11.35 -29.34 -30.58
N GLU C 170 -11.81 -30.31 -31.39
CA GLU C 170 -10.97 -31.44 -31.75
C GLU C 170 -9.71 -30.99 -32.50
N GLU C 171 -9.79 -29.88 -33.24
CA GLU C 171 -8.61 -29.36 -33.93
C GLU C 171 -7.54 -28.96 -32.93
N VAL C 172 -7.92 -28.24 -31.88
CA VAL C 172 -6.96 -27.87 -30.84
C VAL C 172 -6.49 -29.11 -30.10
N ASN C 173 -7.39 -30.05 -29.83
CA ASN C 173 -7.00 -31.30 -29.20
C ASN C 173 -5.97 -32.04 -30.05
N GLU C 174 -6.18 -32.06 -31.38
CA GLU C 174 -5.24 -32.73 -32.27
C GLU C 174 -3.84 -32.15 -32.10
N ALA C 175 -3.71 -30.82 -32.09
CA ALA C 175 -2.41 -30.19 -31.95
C ALA C 175 -1.72 -30.64 -30.67
N LEU C 176 -2.46 -30.61 -29.55
CA LEU C 176 -1.88 -31.05 -28.28
C LEU C 176 -1.40 -32.49 -28.36
N LYS C 177 -2.24 -33.40 -28.85
CA LYS C 177 -1.84 -34.79 -28.99
C LYS C 177 -0.65 -34.92 -29.92
N LYS C 178 -0.60 -34.10 -30.97
CA LYS C 178 0.51 -34.15 -31.92
C LYS C 178 1.81 -33.72 -31.26
N ILE C 179 1.78 -32.63 -30.50
CA ILE C 179 2.99 -32.14 -29.84
C ILE C 179 3.48 -33.16 -28.81
N VAL C 180 2.57 -33.71 -28.01
CA VAL C 180 2.95 -34.72 -27.02
C VAL C 180 3.58 -35.92 -27.72
N LYS C 181 3.02 -36.34 -28.86
CA LYS C 181 3.60 -37.45 -29.60
C LYS C 181 5.03 -37.13 -30.04
N ALA C 182 5.28 -35.90 -30.45
CA ALA C 182 6.63 -35.51 -30.87
C ALA C 182 7.61 -35.57 -29.70
N ILE C 183 7.21 -35.01 -28.56
CA ILE C 183 8.10 -35.00 -27.38
C ILE C 183 8.42 -36.42 -26.95
N GLN C 184 7.38 -37.25 -26.79
CA GLN C 184 7.59 -38.62 -26.31
C GLN C 184 8.51 -39.39 -27.25
N GLU C 185 8.36 -39.20 -28.56
CA GLU C 185 9.24 -39.87 -29.51
C GLU C 185 10.66 -39.35 -29.42
N ALA C 186 10.83 -38.07 -29.07
CA ALA C 186 12.18 -37.51 -28.98
C ALA C 186 12.92 -38.05 -27.77
N VAL C 187 12.26 -38.16 -26.61
CA VAL C 187 12.92 -38.69 -25.43
C VAL C 187 13.26 -40.16 -25.64
N GLU C 188 12.37 -40.90 -26.30
CA GLU C 188 12.68 -42.27 -26.69
C GLU C 188 13.81 -42.31 -27.72
N SER C 189 13.88 -41.32 -28.60
CA SER C 189 15.00 -41.24 -29.54
C SER C 189 16.32 -41.01 -28.82
N LEU C 190 16.34 -40.09 -27.85
CA LEU C 190 17.56 -39.83 -27.09
C LEU C 190 17.97 -41.06 -26.29
N ARG C 191 17.01 -41.72 -25.63
CA ARG C 191 17.32 -42.93 -24.86
C ARG C 191 17.99 -43.97 -25.74
N GLU C 192 17.45 -44.20 -26.93
CA GLU C 192 18.03 -45.19 -27.85
C GLU C 192 19.37 -44.72 -28.41
N ALA C 193 19.50 -43.42 -28.67
CA ALA C 193 20.74 -42.90 -29.24
C ALA C 193 21.94 -43.20 -28.35
N GLU C 194 21.73 -43.31 -27.04
CA GLU C 194 22.78 -43.63 -26.09
C GLU C 194 22.72 -45.06 -25.61
N GLU C 195 21.54 -45.57 -25.30
CA GLU C 195 21.42 -46.85 -24.62
C GLU C 195 21.37 -48.03 -25.58
N SER C 196 20.97 -47.82 -26.83
CA SER C 196 20.78 -48.94 -27.74
C SER C 196 22.08 -49.69 -27.95
N GLY C 197 21.95 -50.99 -28.23
CA GLY C 197 23.09 -51.84 -28.49
C GLY C 197 23.29 -52.23 -29.94
N ASP C 198 22.62 -51.59 -30.88
CA ASP C 198 22.76 -51.86 -32.31
C ASP C 198 23.18 -50.57 -33.01
N PRO C 199 24.32 -50.55 -33.72
CA PRO C 199 24.74 -49.27 -34.33
C PRO C 199 23.72 -48.68 -35.28
N GLU C 200 22.97 -49.51 -36.01
CA GLU C 200 22.00 -49.01 -36.96
C GLU C 200 20.90 -48.21 -36.27
N LYS C 201 20.37 -48.75 -35.17
CA LYS C 201 19.27 -48.09 -34.47
C LYS C 201 19.70 -46.73 -33.91
N ARG C 202 20.77 -46.71 -33.11
CA ARG C 202 21.16 -45.47 -32.44
C ARG C 202 21.76 -44.48 -33.43
N GLU C 203 22.49 -44.96 -34.43
CA GLU C 203 23.00 -44.06 -35.47
C GLU C 203 21.86 -43.30 -36.14
N LYS C 204 20.77 -44.01 -36.49
CA LYS C 204 19.59 -43.32 -37.03
C LYS C 204 18.94 -42.43 -35.99
N ALA C 205 18.81 -42.92 -34.75
CA ALA C 205 18.20 -42.11 -33.70
C ALA C 205 18.95 -40.80 -33.51
N ARG C 206 20.28 -40.83 -33.59
CA ARG C 206 21.06 -39.61 -33.48
C ARG C 206 20.78 -38.68 -34.65
N GLU C 207 20.65 -39.23 -35.87
CA GLU C 207 20.25 -38.41 -37.01
C GLU C 207 18.94 -37.70 -36.73
N ARG C 208 17.98 -38.40 -36.11
CA ARG C 208 16.73 -37.77 -35.73
C ARG C 208 16.98 -36.63 -34.75
N VAL C 209 17.75 -36.89 -33.70
CA VAL C 209 18.02 -35.88 -32.69
C VAL C 209 18.73 -34.69 -33.32
N ARG C 210 19.75 -34.94 -34.13
CA ARG C 210 20.47 -33.85 -34.78
C ARG C 210 19.55 -33.04 -35.68
N GLU C 211 18.65 -33.71 -36.39
CA GLU C 211 17.71 -33.01 -37.26
C GLU C 211 16.82 -32.08 -36.47
N ALA C 212 16.22 -32.58 -35.38
CA ALA C 212 15.34 -31.75 -34.55
C ALA C 212 16.09 -30.55 -34.01
N VAL C 213 17.31 -30.76 -33.52
CA VAL C 213 18.13 -29.64 -33.03
C VAL C 213 18.27 -28.58 -34.11
N GLU C 214 18.61 -29.02 -35.33
CA GLU C 214 18.80 -28.06 -36.43
C GLU C 214 17.54 -27.25 -36.67
N ARG C 215 16.37 -27.89 -36.59
CA ARG C 215 15.12 -27.17 -36.83
C ARG C 215 14.99 -25.98 -35.89
N ALA C 216 15.19 -26.22 -34.59
CA ALA C 216 15.10 -25.15 -33.60
C ALA C 216 16.19 -24.09 -33.84
N GLY D 2 -31.57 13.31 -12.26
CA GLY D 2 -30.89 12.07 -11.93
C GLY D 2 -29.80 11.76 -12.93
N THR D 3 -29.56 10.48 -13.18
CA THR D 3 -28.51 10.07 -14.09
C THR D 3 -28.92 8.79 -14.78
N THR D 4 -28.54 8.66 -16.05
CA THR D 4 -28.71 7.40 -16.74
C THR D 4 -27.79 6.34 -16.13
N GLU D 5 -28.30 5.11 -16.04
CA GLU D 5 -27.49 4.02 -15.51
C GLU D 5 -26.16 3.91 -16.25
N ASP D 6 -26.18 4.09 -17.57
CA ASP D 6 -24.94 4.07 -18.34
C ASP D 6 -24.03 5.23 -17.95
N GLU D 7 -24.59 6.43 -17.80
CA GLU D 7 -23.79 7.58 -17.41
C GLU D 7 -23.16 7.38 -16.04
N ARG D 8 -23.94 6.89 -15.08
CA ARG D 8 -23.41 6.62 -13.75
C ARG D 8 -22.28 5.60 -13.81
N ARG D 9 -22.38 4.63 -14.74
CA ARG D 9 -21.36 3.59 -14.81
C ARG D 9 -19.99 4.18 -15.16
N GLU D 10 -19.92 4.94 -16.27
CA GLU D 10 -18.65 5.50 -16.70
C GLU D 10 -18.06 6.44 -15.66
N LEU D 11 -18.90 7.30 -15.08
CA LEU D 11 -18.43 8.20 -14.02
C LEU D 11 -17.78 7.41 -12.90
N GLU D 12 -18.37 6.26 -12.54
CA GLU D 12 -17.78 5.40 -11.51
C GLU D 12 -16.43 4.87 -11.95
N LYS D 13 -16.35 4.36 -13.18
CA LYS D 13 -15.10 3.83 -13.71
C LYS D 13 -14.02 4.91 -13.77
N VAL D 14 -14.39 6.11 -14.21
CA VAL D 14 -13.43 7.22 -14.28
C VAL D 14 -12.95 7.58 -12.89
N ALA D 15 -13.85 7.56 -11.89
CA ALA D 15 -13.46 7.87 -10.52
C ALA D 15 -12.33 6.95 -10.07
N ARG D 16 -12.48 5.65 -10.30
CA ARG D 16 -11.43 4.70 -9.95
C ARG D 16 -10.18 4.96 -10.78
N LYS D 17 -10.35 5.23 -12.08
CA LYS D 17 -9.20 5.50 -12.95
C LYS D 17 -8.43 6.73 -12.48
N ALA D 18 -9.12 7.84 -12.27
CA ALA D 18 -8.46 9.07 -11.83
C ALA D 18 -7.84 8.89 -10.45
N ILE D 19 -8.55 8.22 -9.55
CA ILE D 19 -8.05 8.01 -8.19
C ILE D 19 -6.74 7.23 -8.22
N GLU D 20 -6.73 6.10 -8.95
CA GLU D 20 -5.52 5.30 -9.06
C GLU D 20 -4.37 6.11 -9.64
N ALA D 21 -4.63 6.84 -10.72
CA ALA D 21 -3.60 7.69 -11.31
C ALA D 21 -3.11 8.72 -10.31
N ALA D 22 -4.03 9.26 -9.50
CA ALA D 22 -3.64 10.25 -8.49
C ALA D 22 -2.72 9.63 -7.45
N ARG D 23 -3.08 8.43 -6.95
CA ARG D 23 -2.27 7.78 -5.93
C ARG D 23 -0.86 7.49 -6.41
N GLU D 24 -0.62 7.51 -7.73
CA GLU D 24 0.68 7.21 -8.29
C GLU D 24 1.33 8.43 -8.94
N GLY D 25 0.77 9.62 -8.73
CA GLY D 25 1.34 10.83 -9.31
C GLY D 25 1.36 10.82 -10.82
N ASN D 26 0.41 10.12 -11.45
CA ASN D 26 0.31 10.10 -12.92
C ASN D 26 -0.59 11.25 -13.35
N THR D 27 0.00 12.44 -13.44
CA THR D 27 -0.77 13.63 -13.79
C THR D 27 -1.44 13.49 -15.15
N ASP D 28 -0.74 12.88 -16.11
CA ASP D 28 -1.31 12.70 -17.44
C ASP D 28 -2.62 11.91 -17.36
N GLU D 29 -2.62 10.81 -16.61
CA GLU D 29 -3.84 10.03 -16.43
C GLU D 29 -4.86 10.77 -15.57
N VAL D 30 -4.39 11.52 -14.57
CA VAL D 30 -5.29 12.28 -13.72
C VAL D 30 -5.98 13.37 -14.54
N ARG D 31 -5.20 14.17 -15.27
CA ARG D 31 -5.78 15.24 -16.07
C ARG D 31 -6.75 14.70 -17.11
N GLU D 32 -6.38 13.60 -17.79
CA GLU D 32 -7.26 13.05 -18.83
C GLU D 32 -8.58 12.57 -18.25
N GLN D 33 -8.53 11.85 -17.13
CA GLN D 33 -9.76 11.32 -16.55
C GLN D 33 -10.66 12.44 -16.05
N LEU D 34 -10.08 13.52 -15.51
CA LEU D 34 -10.90 14.65 -15.08
C LEU D 34 -11.66 15.24 -16.26
N GLN D 35 -11.01 15.38 -17.41
CA GLN D 35 -11.71 15.87 -18.60
C GLN D 35 -12.79 14.90 -19.03
N ARG D 36 -12.59 13.60 -18.81
CA ARG D 36 -13.64 12.62 -19.09
C ARG D 36 -14.84 12.84 -18.16
N ALA D 37 -14.58 13.04 -16.87
CA ALA D 37 -15.66 13.30 -15.93
C ALA D 37 -16.35 14.62 -16.24
N LEU D 38 -15.57 15.67 -16.54
CA LEU D 38 -16.16 16.93 -16.98
C LEU D 38 -17.03 16.73 -18.22
N GLU D 39 -16.50 16.02 -19.22
CA GLU D 39 -17.22 15.85 -20.47
C GLU D 39 -18.56 15.14 -20.26
N ILE D 40 -18.55 14.03 -19.52
CA ILE D 40 -19.78 13.26 -19.33
C ILE D 40 -20.80 14.10 -18.56
N ALA D 41 -20.34 14.86 -17.57
CA ALA D 41 -21.24 15.76 -16.85
C ALA D 41 -21.75 16.85 -17.77
N ARG D 42 -20.89 17.38 -18.64
CA ARG D 42 -21.32 18.41 -19.59
C ARG D 42 -22.27 17.83 -20.64
N GLU D 43 -22.11 16.55 -20.98
CA GLU D 43 -22.98 15.92 -21.95
C GLU D 43 -24.37 15.71 -21.37
N SER D 44 -24.48 14.88 -20.33
CA SER D 44 -25.77 14.63 -19.71
C SER D 44 -26.33 15.90 -19.09
N GLY D 45 -25.50 16.63 -18.35
CA GLY D 45 -25.89 17.93 -17.83
C GLY D 45 -26.91 17.88 -16.71
N THR D 46 -27.11 16.73 -16.08
CA THR D 46 -28.01 16.65 -14.94
C THR D 46 -27.34 17.19 -13.68
N LYS D 47 -28.16 17.70 -12.77
CA LYS D 47 -27.63 18.22 -11.50
C LYS D 47 -26.88 17.14 -10.74
N THR D 48 -27.43 15.92 -10.70
CA THR D 48 -26.74 14.82 -10.07
C THR D 48 -25.39 14.54 -10.74
N ALA D 49 -25.36 14.63 -12.08
CA ALA D 49 -24.12 14.39 -12.81
C ALA D 49 -23.04 15.38 -12.38
N VAL D 50 -23.37 16.69 -12.40
CA VAL D 50 -22.42 17.70 -11.95
C VAL D 50 -21.93 17.39 -10.55
N LYS D 51 -22.87 17.06 -9.65
CA LYS D 51 -22.49 16.70 -8.29
C LYS D 51 -21.49 15.56 -8.28
N LEU D 52 -21.76 14.51 -9.07
CA LEU D 52 -20.86 13.37 -9.12
C LEU D 52 -19.49 13.78 -9.64
N ALA D 53 -19.45 14.53 -10.74
CA ALA D 53 -18.17 14.94 -11.32
C ALA D 53 -17.35 15.75 -10.31
N LEU D 54 -17.98 16.69 -9.62
CA LEU D 54 -17.26 17.46 -8.60
C LEU D 54 -16.69 16.54 -7.53
N ASP D 55 -17.47 15.54 -7.10
CA ASP D 55 -17.00 14.60 -6.09
C ASP D 55 -15.75 13.86 -6.57
N VAL D 56 -15.73 13.46 -7.84
CA VAL D 56 -14.56 12.78 -8.41
C VAL D 56 -13.33 13.68 -8.25
N ALA D 57 -13.42 14.92 -8.74
CA ALA D 57 -12.29 15.84 -8.63
C ALA D 57 -11.86 16.03 -7.19
N LEU D 58 -12.80 15.98 -6.24
CA LEU D 58 -12.44 16.11 -4.83
C LEU D 58 -11.63 14.91 -4.37
N ARG D 59 -12.12 13.70 -4.65
CA ARG D 59 -11.40 12.50 -4.25
C ARG D 59 -9.98 12.50 -4.81
N VAL D 60 -9.83 12.88 -6.09
CA VAL D 60 -8.51 12.97 -6.69
C VAL D 60 -7.63 13.91 -5.87
N ALA D 61 -8.14 15.11 -5.56
CA ALA D 61 -7.34 16.09 -4.84
C ALA D 61 -6.98 15.60 -3.45
N GLN D 62 -7.84 14.78 -2.83
CA GLN D 62 -7.55 14.26 -1.49
C GLN D 62 -6.42 13.23 -1.54
N GLU D 63 -6.39 12.40 -2.58
CA GLU D 63 -5.29 11.46 -2.74
C GLU D 63 -3.99 12.18 -3.06
N ALA D 64 -4.04 13.16 -3.97
CA ALA D 64 -2.84 13.91 -4.32
C ALA D 64 -2.23 14.59 -3.09
N ALA D 65 -3.07 15.21 -2.25
CA ALA D 65 -2.57 15.86 -1.05
C ALA D 65 -1.86 14.86 -0.14
N LYS D 66 -2.45 13.67 0.06
CA LYS D 66 -1.79 12.64 0.85
C LYS D 66 -0.40 12.36 0.31
N ARG D 67 -0.29 12.17 -1.00
CA ARG D 67 1.01 11.93 -1.63
C ARG D 67 1.81 13.21 -1.85
N GLY D 68 1.18 14.37 -1.72
CA GLY D 68 1.87 15.64 -1.86
C GLY D 68 2.08 16.10 -3.29
N ASN D 69 1.51 15.41 -4.28
CA ASN D 69 1.66 15.81 -5.68
C ASN D 69 0.81 17.05 -5.94
N LYS D 70 1.45 18.22 -5.92
CA LYS D 70 0.72 19.47 -6.06
C LYS D 70 0.12 19.63 -7.45
N ASP D 71 0.79 19.09 -8.48
CA ASP D 71 0.31 19.27 -9.84
C ASP D 71 -1.09 18.69 -10.02
N ALA D 72 -1.33 17.50 -9.49
CA ALA D 72 -2.64 16.87 -9.63
C ALA D 72 -3.69 17.62 -8.82
N ILE D 73 -3.32 18.13 -7.64
CA ILE D 73 -4.22 18.95 -6.86
C ILE D 73 -4.77 20.10 -7.71
N ASP D 74 -3.86 20.81 -8.39
CA ASP D 74 -4.28 21.96 -9.18
C ASP D 74 -5.17 21.54 -10.36
N GLU D 75 -4.93 20.36 -10.92
CA GLU D 75 -5.79 19.88 -12.00
C GLU D 75 -7.22 19.70 -11.51
N ALA D 76 -7.40 19.04 -10.37
CA ALA D 76 -8.72 18.86 -9.79
C ALA D 76 -9.39 20.21 -9.53
N ALA D 77 -8.67 21.13 -8.89
CA ALA D 77 -9.23 22.45 -8.59
C ALA D 77 -9.64 23.18 -9.86
N GLU D 78 -8.81 23.14 -10.89
CA GLU D 78 -9.14 23.81 -12.15
C GLU D 78 -10.46 23.26 -12.72
N VAL D 79 -10.63 21.94 -12.68
CA VAL D 79 -11.84 21.33 -13.23
C VAL D 79 -13.05 21.75 -12.40
N VAL D 80 -12.92 21.75 -11.06
CA VAL D 80 -14.01 22.23 -10.21
C VAL D 80 -14.45 23.62 -10.66
N VAL D 81 -13.49 24.52 -10.88
CA VAL D 81 -13.82 25.85 -11.38
C VAL D 81 -14.48 25.76 -12.75
N ARG D 82 -13.90 24.96 -13.65
CA ARG D 82 -14.44 24.82 -14.99
C ARG D 82 -15.93 24.44 -14.94
N ILE D 83 -16.26 23.46 -14.09
CA ILE D 83 -17.65 23.04 -13.96
C ILE D 83 -18.52 24.19 -13.49
N ALA D 84 -18.08 24.88 -12.43
CA ALA D 84 -18.85 26.00 -11.90
C ALA D 84 -19.03 27.09 -12.95
N GLU D 85 -17.97 27.42 -13.69
CA GLU D 85 -18.06 28.48 -14.69
C GLU D 85 -19.03 28.11 -15.81
N GLU D 86 -19.26 26.82 -16.05
CA GLU D 86 -20.17 26.37 -17.08
C GLU D 86 -21.56 26.04 -16.54
N SER D 87 -21.83 26.37 -15.28
CA SER D 87 -23.12 26.14 -14.67
C SER D 87 -23.90 27.43 -14.56
N ASN D 88 -25.23 27.31 -14.54
CA ASN D 88 -26.13 28.45 -14.48
C ASN D 88 -27.11 28.36 -13.32
N ASN D 89 -26.80 27.55 -12.30
CA ASN D 89 -27.67 27.39 -11.14
C ASN D 89 -26.84 27.55 -9.87
N SER D 90 -27.51 27.96 -8.79
CA SER D 90 -26.82 28.24 -7.54
C SER D 90 -26.26 26.97 -6.91
N ASP D 91 -27.00 25.85 -7.05
CA ASP D 91 -26.56 24.62 -6.41
C ASP D 91 -25.15 24.23 -6.84
N ALA D 92 -24.86 24.34 -8.14
CA ALA D 92 -23.54 23.96 -8.64
C ALA D 92 -22.45 24.81 -8.00
N LEU D 93 -22.60 26.14 -8.05
CA LEU D 93 -21.56 27.03 -7.55
C LEU D 93 -21.29 26.77 -6.08
N GLU D 94 -22.33 26.55 -5.27
CA GLU D 94 -22.11 26.23 -3.87
C GLU D 94 -21.39 24.90 -3.72
N GLN D 95 -21.76 23.91 -4.53
CA GLN D 95 -21.08 22.62 -4.49
C GLN D 95 -19.62 22.77 -4.89
N ALA D 96 -19.32 23.66 -5.84
CA ALA D 96 -17.94 23.88 -6.25
C ALA D 96 -17.14 24.54 -5.12
N LEU D 97 -17.71 25.57 -4.50
CA LEU D 97 -16.99 26.29 -3.45
C LEU D 97 -16.77 25.40 -2.23
N ARG D 98 -17.76 24.58 -1.88
CA ARG D 98 -17.57 23.61 -0.80
C ARG D 98 -16.38 22.71 -1.09
N VAL D 99 -16.28 22.20 -2.32
CA VAL D 99 -15.17 21.33 -2.69
C VAL D 99 -13.84 22.07 -2.55
N LEU D 100 -13.77 23.31 -3.03
CA LEU D 100 -12.53 24.07 -2.91
C LEU D 100 -12.13 24.24 -1.45
N GLU D 101 -13.10 24.46 -0.56
CA GLU D 101 -12.81 24.44 0.87
C GLU D 101 -12.20 23.12 1.28
N GLU D 102 -12.73 22.01 0.77
CA GLU D 102 -12.22 20.70 1.13
C GLU D 102 -10.83 20.48 0.56
N ILE D 103 -10.60 20.90 -0.69
CA ILE D 103 -9.28 20.76 -1.29
C ILE D 103 -8.24 21.48 -0.42
N ALA D 104 -8.54 22.71 -0.02
CA ALA D 104 -7.64 23.43 0.87
C ALA D 104 -7.48 22.69 2.20
N LYS D 105 -8.58 22.16 2.73
CA LYS D 105 -8.49 21.40 3.97
C LYS D 105 -7.66 20.14 3.80
N ALA D 106 -7.69 19.54 2.61
CA ALA D 106 -6.86 18.36 2.36
C ALA D 106 -5.39 18.74 2.24
N VAL D 107 -5.10 19.89 1.65
CA VAL D 107 -3.72 20.38 1.59
C VAL D 107 -3.17 20.57 2.99
N LEU D 108 -3.94 21.23 3.86
CA LEU D 108 -3.47 21.48 5.22
C LEU D 108 -3.21 20.18 5.96
N LYS D 109 -4.05 19.16 5.73
CA LYS D 109 -3.82 17.87 6.38
C LYS D 109 -2.46 17.31 5.99
N SER D 110 -2.07 17.48 4.73
CA SER D 110 -0.77 17.00 4.28
C SER D 110 0.36 17.92 4.74
N GLU D 111 0.12 19.23 4.71
CA GLU D 111 1.20 20.16 5.04
C GLU D 111 1.26 20.41 6.54
N LYS D 112 0.11 20.68 7.15
CA LYS D 112 0.02 20.96 8.59
C LYS D 112 0.86 22.19 8.95
N THR D 113 0.81 23.21 8.10
CA THR D 113 1.60 24.42 8.30
C THR D 113 0.68 25.61 8.50
N GLU D 114 1.24 26.67 9.09
CA GLU D 114 0.50 27.92 9.26
C GLU D 114 0.14 28.55 7.92
N ASP D 115 0.99 28.37 6.91
CA ASP D 115 0.72 28.92 5.58
C ASP D 115 -0.56 28.30 5.00
N ALA D 116 -0.66 26.96 5.03
CA ALA D 116 -1.83 26.30 4.49
C ALA D 116 -3.07 26.59 5.34
N LYS D 117 -2.89 26.67 6.66
CA LYS D 117 -4.02 26.95 7.55
C LYS D 117 -4.65 28.30 7.23
N LYS D 118 -3.82 29.33 7.02
CA LYS D 118 -4.34 30.64 6.63
C LYS D 118 -5.04 30.58 5.28
N ALA D 119 -4.58 29.71 4.38
CA ALA D 119 -5.20 29.58 3.07
C ALA D 119 -6.62 29.02 3.19
N VAL D 120 -6.79 27.98 4.03
CA VAL D 120 -8.11 27.41 4.25
C VAL D 120 -9.09 28.49 4.72
N LYS D 121 -8.67 29.28 5.71
CA LYS D 121 -9.55 30.30 6.24
C LYS D 121 -9.92 31.33 5.17
N LEU D 122 -8.97 31.66 4.29
CA LEU D 122 -9.26 32.62 3.23
C LEU D 122 -10.28 32.06 2.25
N VAL D 123 -10.15 30.78 1.90
CA VAL D 123 -11.13 30.15 1.01
C VAL D 123 -12.49 30.11 1.69
N GLN D 124 -12.52 29.77 2.98
CA GLN D 124 -13.79 29.72 3.71
C GLN D 124 -14.50 31.07 3.65
N GLU D 125 -13.75 32.17 3.76
CA GLU D 125 -14.37 33.49 3.70
C GLU D 125 -15.03 33.73 2.35
N ALA D 126 -14.38 33.29 1.27
CA ALA D 126 -14.96 33.45 -0.06
C ALA D 126 -16.22 32.60 -0.19
N TYR D 127 -16.16 31.35 0.26
CA TYR D 127 -17.34 30.48 0.25
C TYR D 127 -18.48 31.11 1.04
N LYS D 128 -18.18 31.58 2.26
CA LYS D 128 -19.23 32.16 3.11
C LYS D 128 -19.88 33.37 2.45
N ALA D 129 -19.07 34.22 1.81
CA ALA D 129 -19.61 35.41 1.15
C ALA D 129 -20.48 35.03 -0.04
N ALA D 130 -20.01 34.09 -0.87
CA ALA D 130 -20.78 33.66 -2.03
C ALA D 130 -22.11 33.06 -1.59
N GLN D 131 -22.08 32.19 -0.58
CA GLN D 131 -23.33 31.62 -0.07
C GLN D 131 -24.26 32.70 0.44
N ARG D 132 -23.71 33.73 1.10
CA ARG D 132 -24.53 34.84 1.57
C ARG D 132 -25.22 35.54 0.40
N ALA D 133 -24.46 35.87 -0.65
CA ALA D 133 -25.04 36.57 -1.79
C ALA D 133 -26.12 35.73 -2.46
N ILE D 134 -25.90 34.43 -2.56
CA ILE D 134 -26.89 33.55 -3.18
C ILE D 134 -28.15 33.49 -2.34
N GLU D 135 -27.99 33.31 -1.03
CA GLU D 135 -29.15 33.31 -0.15
C GLU D 135 -29.90 34.65 -0.24
N ALA D 136 -29.16 35.76 -0.15
CA ALA D 136 -29.79 37.07 -0.26
C ALA D 136 -30.50 37.23 -1.60
N ALA D 137 -29.90 36.71 -2.67
CA ALA D 137 -30.53 36.79 -3.98
C ALA D 137 -31.78 35.93 -4.05
N LYS D 138 -31.74 34.74 -3.44
CA LYS D 138 -32.93 33.89 -3.39
C LYS D 138 -34.08 34.60 -2.69
N ARG D 139 -33.78 35.27 -1.57
CA ARG D 139 -34.82 35.92 -0.79
C ARG D 139 -35.55 36.99 -1.60
N THR D 140 -34.84 37.69 -2.49
CA THR D 140 -35.50 38.69 -3.33
C THR D 140 -36.53 38.04 -4.25
N GLY D 141 -36.18 36.89 -4.85
CA GLY D 141 -37.05 36.25 -5.81
C GLY D 141 -36.93 36.78 -7.22
N THR D 142 -36.01 37.71 -7.47
CA THR D 142 -35.82 38.28 -8.79
C THR D 142 -34.79 37.45 -9.56
N PRO D 143 -35.13 36.91 -10.74
CA PRO D 143 -34.14 36.08 -11.45
C PRO D 143 -32.83 36.79 -11.74
N ASP D 144 -32.88 38.02 -12.24
CA ASP D 144 -31.65 38.73 -12.62
C ASP D 144 -30.76 38.99 -11.41
N VAL D 145 -31.35 39.12 -10.22
CA VAL D 145 -30.53 39.28 -9.02
C VAL D 145 -29.84 37.96 -8.68
N ILE D 146 -30.51 36.83 -8.92
CA ILE D 146 -29.88 35.54 -8.71
C ILE D 146 -28.75 35.33 -9.70
N LYS D 147 -28.93 35.80 -10.93
CA LYS D 147 -27.86 35.74 -11.92
C LYS D 147 -26.61 36.45 -11.41
N LEU D 148 -26.79 37.65 -10.84
CA LEU D 148 -25.66 38.40 -10.29
C LEU D 148 -24.94 37.59 -9.21
N ALA D 149 -25.70 37.07 -8.24
CA ALA D 149 -25.09 36.31 -7.16
C ALA D 149 -24.27 35.14 -7.71
N ILE D 150 -24.80 34.44 -8.72
CA ILE D 150 -24.04 33.34 -9.32
C ILE D 150 -22.77 33.88 -9.97
N LYS D 151 -22.89 35.01 -10.68
CA LYS D 151 -21.71 35.59 -11.33
C LYS D 151 -20.63 35.90 -10.30
N LEU D 152 -21.00 36.51 -9.18
CA LEU D 152 -20.03 36.78 -8.13
C LEU D 152 -19.49 35.49 -7.54
N ALA D 153 -20.33 34.48 -7.40
CA ALA D 153 -19.87 33.19 -6.89
C ALA D 153 -18.83 32.58 -7.81
N LYS D 154 -19.02 32.71 -9.13
CA LYS D 154 -18.01 32.22 -10.06
C LYS D 154 -16.68 32.91 -9.83
N LEU D 155 -16.70 34.25 -9.77
CA LEU D 155 -15.48 35.01 -9.52
C LEU D 155 -14.85 34.59 -8.20
N ALA D 156 -15.66 34.39 -7.16
CA ALA D 156 -15.15 33.92 -5.88
C ALA D 156 -14.45 32.58 -6.03
N ALA D 157 -15.08 31.65 -6.76
CA ALA D 157 -14.46 30.35 -6.98
C ALA D 157 -13.12 30.49 -7.68
N ARG D 158 -13.08 31.23 -8.79
CA ARG D 158 -11.83 31.44 -9.50
C ARG D 158 -10.77 32.05 -8.58
N ALA D 159 -11.16 33.05 -7.78
CA ALA D 159 -10.22 33.62 -6.81
C ALA D 159 -9.73 32.57 -5.83
N ALA D 160 -10.64 31.71 -5.35
CA ALA D 160 -10.24 30.65 -4.43
C ALA D 160 -9.27 29.67 -5.11
N LEU D 161 -9.46 29.42 -6.40
CA LEU D 161 -8.58 28.52 -7.13
C LEU D 161 -7.15 29.03 -7.14
N GLU D 162 -6.95 30.29 -7.55
CA GLU D 162 -5.60 30.85 -7.62
C GLU D 162 -4.94 30.87 -6.25
N VAL D 163 -5.72 31.03 -5.17
CA VAL D 163 -5.16 30.93 -3.83
C VAL D 163 -4.63 29.52 -3.60
N ILE D 164 -5.41 28.51 -3.99
CA ILE D 164 -5.01 27.12 -3.79
C ILE D 164 -3.72 26.82 -4.54
N LYS D 165 -3.61 27.31 -5.77
CA LYS D 165 -2.43 27.01 -6.58
C LYS D 165 -1.19 27.75 -6.10
N ARG D 166 -1.33 29.06 -5.84
CA ARG D 166 -0.22 29.92 -5.45
C ARG D 166 -0.55 30.59 -4.12
N PRO D 167 -0.52 29.83 -3.00
CA PRO D 167 -0.80 30.40 -1.69
C PRO D 167 0.25 31.41 -1.25
N SER D 169 1.71 33.72 -3.04
CA SER D 169 1.64 35.07 -3.58
C SER D 169 0.65 35.90 -2.78
N GLU D 170 1.17 36.88 -2.03
CA GLU D 170 0.32 37.75 -1.23
C GLU D 170 -0.62 38.58 -2.08
N GLU D 171 -0.29 38.79 -3.36
CA GLU D 171 -1.17 39.55 -4.25
C GLU D 171 -2.52 38.87 -4.37
N VAL D 172 -2.53 37.54 -4.53
CA VAL D 172 -3.78 36.79 -4.62
C VAL D 172 -4.59 36.96 -3.34
N ASN D 173 -3.92 36.96 -2.19
CA ASN D 173 -4.60 37.17 -0.92
C ASN D 173 -5.30 38.52 -0.88
N GLU D 174 -4.62 39.58 -1.34
CA GLU D 174 -5.24 40.90 -1.36
C GLU D 174 -6.43 40.94 -2.32
N ALA D 175 -6.28 40.33 -3.50
CA ALA D 175 -7.38 40.31 -4.47
C ALA D 175 -8.59 39.57 -3.90
N LEU D 176 -8.37 38.42 -3.27
CA LEU D 176 -9.47 37.68 -2.66
C LEU D 176 -10.21 38.56 -1.66
N LYS D 177 -9.46 39.17 -0.72
CA LYS D 177 -10.07 40.05 0.26
C LYS D 177 -10.87 41.15 -0.42
N LYS D 178 -10.42 41.61 -1.60
CA LYS D 178 -11.12 42.66 -2.32
C LYS D 178 -12.49 42.19 -2.80
N ILE D 179 -12.55 40.98 -3.37
CA ILE D 179 -13.81 40.49 -3.91
C ILE D 179 -14.76 40.05 -2.80
N VAL D 180 -14.24 39.60 -1.65
CA VAL D 180 -15.11 39.22 -0.54
C VAL D 180 -15.87 40.45 -0.03
N LYS D 181 -15.20 41.61 0.03
CA LYS D 181 -15.92 42.83 0.35
C LYS D 181 -16.84 43.25 -0.78
N ALA D 182 -16.37 43.12 -2.03
CA ALA D 182 -17.22 43.44 -3.17
C ALA D 182 -18.54 42.70 -3.09
N ILE D 183 -18.50 41.43 -2.66
CA ILE D 183 -19.73 40.67 -2.46
C ILE D 183 -20.51 41.23 -1.28
N GLN D 184 -19.84 41.44 -0.15
CA GLN D 184 -20.51 41.98 1.03
C GLN D 184 -21.13 43.34 0.73
N GLU D 185 -20.42 44.17 -0.04
CA GLU D 185 -20.98 45.48 -0.41
C GLU D 185 -22.26 45.33 -1.22
N ALA D 186 -22.27 44.39 -2.16
CA ALA D 186 -23.47 44.16 -2.97
C ALA D 186 -24.62 43.69 -2.10
N VAL D 187 -24.36 42.74 -1.20
CA VAL D 187 -25.41 42.26 -0.29
C VAL D 187 -25.94 43.41 0.54
N GLU D 188 -25.04 44.23 1.09
CA GLU D 188 -25.47 45.38 1.87
C GLU D 188 -26.32 46.33 1.03
N SER D 189 -25.96 46.51 -0.24
CA SER D 189 -26.77 47.35 -1.11
C SER D 189 -28.19 46.81 -1.23
N LEU D 190 -28.33 45.51 -1.51
CA LEU D 190 -29.66 44.92 -1.64
C LEU D 190 -30.48 45.14 -0.39
N ARG D 191 -29.89 44.87 0.79
CA ARG D 191 -30.59 45.08 2.04
C ARG D 191 -31.04 46.53 2.18
N GLU D 192 -30.17 47.48 1.84
CA GLU D 192 -30.54 48.89 1.94
C GLU D 192 -31.66 49.25 0.96
N ALA D 193 -31.62 48.68 -0.25
CA ALA D 193 -32.61 49.00 -1.27
C ALA D 193 -34.02 48.58 -0.85
N GLU D 194 -34.15 47.69 0.12
CA GLU D 194 -35.44 47.18 0.56
C GLU D 194 -35.83 47.63 1.95
N GLU D 195 -34.88 47.79 2.86
CA GLU D 195 -35.19 48.01 4.27
C GLU D 195 -35.15 49.47 4.66
N SER D 196 -34.29 50.27 4.04
CA SER D 196 -34.04 51.62 4.53
C SER D 196 -35.28 52.48 4.38
N GLY D 197 -35.22 53.65 5.03
CA GLY D 197 -36.29 54.62 4.99
C GLY D 197 -35.81 56.00 4.57
N ASP D 198 -34.57 56.08 4.09
CA ASP D 198 -34.02 57.32 3.53
C ASP D 198 -34.06 57.23 2.01
N PRO D 199 -35.22 57.54 1.37
CA PRO D 199 -35.36 57.31 -0.08
C PRO D 199 -34.12 57.69 -0.89
N GLU D 200 -33.54 58.85 -0.61
CA GLU D 200 -32.32 59.24 -1.30
C GLU D 200 -31.20 58.24 -1.02
N LYS D 201 -31.02 57.86 0.24
CA LYS D 201 -30.02 56.84 0.56
C LYS D 201 -30.44 55.48 0.03
N ARG D 202 -31.72 55.14 0.14
CA ARG D 202 -32.21 53.89 -0.44
C ARG D 202 -31.99 53.87 -1.95
N GLU D 203 -32.28 54.98 -2.63
CA GLU D 203 -32.02 55.05 -4.07
C GLU D 203 -30.55 54.84 -4.38
N LYS D 204 -29.65 55.29 -3.48
CA LYS D 204 -28.24 55.05 -3.69
C LYS D 204 -27.95 53.56 -3.79
N ALA D 205 -28.36 52.79 -2.79
CA ALA D 205 -28.16 51.34 -2.83
C ALA D 205 -28.83 50.74 -4.06
N ARG D 206 -30.06 51.16 -4.36
CA ARG D 206 -30.74 50.65 -5.54
C ARG D 206 -29.96 50.95 -6.80
N GLU D 207 -29.37 52.14 -6.89
CA GLU D 207 -28.55 52.49 -8.05
C GLU D 207 -27.34 51.57 -8.16
N ARG D 208 -26.68 51.30 -7.03
CA ARG D 208 -25.53 50.42 -7.03
C ARG D 208 -25.91 49.02 -7.53
N VAL D 209 -27.03 48.49 -7.04
CA VAL D 209 -27.47 47.16 -7.45
C VAL D 209 -27.80 47.14 -8.94
N ARG D 210 -28.55 48.14 -9.40
CA ARG D 210 -28.93 48.19 -10.81
C ARG D 210 -27.70 48.26 -11.72
N GLU D 211 -26.73 49.10 -11.37
CA GLU D 211 -25.53 49.23 -12.19
C GLU D 211 -24.74 47.93 -12.24
N ALA D 212 -24.58 47.27 -11.10
CA ALA D 212 -23.83 46.00 -11.07
C ALA D 212 -24.49 44.95 -11.94
N VAL D 213 -25.81 44.81 -11.85
CA VAL D 213 -26.54 43.83 -12.64
C VAL D 213 -26.43 44.16 -14.13
#